data_3G1R
#
_entry.id   3G1R
#
_cell.length_a   49.892
_cell.length_b   109.877
_cell.length_c   128.961
_cell.angle_alpha   90.00
_cell.angle_beta   90.00
_cell.angle_gamma   90.00
#
_symmetry.space_group_name_H-M   'P 21 21 21'
#
loop_
_entity.id
_entity.type
_entity.pdbx_description
1 polymer '3-oxo-5-beta-steroid 4-dehydrogenase'
2 non-polymer 'NADP NICOTINAMIDE-ADENINE-DINUCLEOTIDE PHOSPHATE'
3 non-polymer (4aR,4bS,6aS,7S,9aS,9bS,11aR)-N-tert-butyl-4a,6a-dimethyl-2-oxo-2,4a,4b,5,6,6a,7,8,9,9a,9b,10,11,11a-tetradecahydro-1H-indeno[5,4-f]quinoline-7-carboxamide
4 water water
#
_entity_poly.entity_id   1
_entity_poly.type   'polypeptide(L)'
_entity_poly.pdbx_seq_one_letter_code
;MGSSHHHHHHSSGLVPRGSHMDLSAASHRIPLSDGNSIPIIGLGTYSEPKSTPKGACATSVKVAIDTGYRHIDGAYIYQN
EHEVGEAIREKIAEGKVRREDIFYCGKLWATNHVPEMVRPTLERTLRVLQLDYVDLYIIEVPMAFKPGDEIYPRDENGKW
LYHKSNLCATWEAMEACKDAGLVKSLGVSNFNRRQLELILNKPGLKHKPVSNQVECHPYFTQPKLLKFCQQHDIVITAYS
PLGTSRNPIWVNVSSPPLLKDALLNSLGKRYNKTAAQIVLRFNIQRGVVVIPKSFNLERIKENFQIFDFSLTEEEMKDIE
ALNKNVRFVELLMWRDHPEYPFHDEY
;
_entity_poly.pdbx_strand_id   A,B
#
# COMPACT_ATOMS: atom_id res chain seq x y z
N ASP A 22 -30.58 3.76 4.58
CA ASP A 22 -29.33 3.43 3.88
C ASP A 22 -28.14 4.12 4.55
N LEU A 23 -27.93 5.38 4.22
CA LEU A 23 -26.87 6.18 4.82
C LEU A 23 -27.29 6.65 6.21
N SER A 24 -26.37 6.62 7.16
CA SER A 24 -26.66 7.07 8.52
C SER A 24 -25.46 7.81 9.10
N ALA A 25 -25.68 8.51 10.21
CA ALA A 25 -24.60 9.25 10.84
C ALA A 25 -23.44 8.30 11.18
N ALA A 26 -23.78 7.11 11.64
CA ALA A 26 -22.77 6.17 12.10
C ALA A 26 -22.14 5.39 10.95
N SER A 27 -22.83 5.31 9.82
CA SER A 27 -22.35 4.52 8.69
C SER A 27 -22.78 5.12 7.36
N HIS A 28 -21.85 5.81 6.70
CA HIS A 28 -22.18 6.47 5.46
C HIS A 28 -21.01 6.45 4.48
N ARG A 29 -20.25 5.36 4.50
CA ARG A 29 -19.18 5.18 3.53
C ARG A 29 -19.73 4.48 2.30
N ILE A 30 -19.25 4.90 1.12
CA ILE A 30 -19.69 4.29 -0.13
C ILE A 30 -18.51 3.71 -0.90
N PRO A 31 -18.76 2.65 -1.67
CA PRO A 31 -17.66 1.91 -2.31
C PRO A 31 -16.87 2.71 -3.36
N LEU A 32 -15.56 2.50 -3.36
CA LEU A 32 -14.69 2.98 -4.43
C LEU A 32 -14.33 1.78 -5.28
N SER A 33 -13.94 2.00 -6.53
CA SER A 33 -13.77 0.90 -7.48
C SER A 33 -12.56 0.02 -7.20
N ASP A 34 -11.68 0.47 -6.29
CA ASP A 34 -10.50 -0.31 -5.93
C ASP A 34 -10.71 -1.15 -4.67
N GLY A 35 -11.94 -1.21 -4.16
CA GLY A 35 -12.25 -2.01 -2.99
C GLY A 35 -12.21 -1.27 -1.68
N ASN A 36 -11.74 -0.03 -1.72
CA ASN A 36 -11.82 0.83 -0.55
C ASN A 36 -13.17 1.52 -0.51
N SER A 37 -13.36 2.39 0.48
CA SER A 37 -14.62 3.12 0.61
C SER A 37 -14.36 4.55 1.09
N ILE A 38 -15.32 5.42 0.85
CA ILE A 38 -15.17 6.85 1.17
C ILE A 38 -16.41 7.37 1.89
N PRO A 39 -16.22 8.01 3.07
CA PRO A 39 -17.36 8.61 3.77
C PRO A 39 -17.98 9.68 2.90
N ILE A 40 -19.30 9.63 2.74
CA ILE A 40 -20.00 10.46 1.75
C ILE A 40 -20.06 11.95 2.12
N ILE A 41 -19.76 12.27 3.38
CA ILE A 41 -19.52 13.65 3.79
C ILE A 41 -18.13 13.75 4.38
N GLY A 42 -17.44 14.85 4.09
CA GLY A 42 -16.16 15.17 4.69
C GLY A 42 -16.09 16.64 5.02
N LEU A 43 -15.10 17.03 5.83
CA LEU A 43 -14.84 18.43 6.13
C LEU A 43 -13.82 19.01 5.17
N GLY A 44 -14.21 20.04 4.42
CA GLY A 44 -13.25 20.76 3.59
C GLY A 44 -12.38 21.62 4.48
N THR A 45 -11.15 21.88 4.07
CA THR A 45 -10.25 22.62 4.94
C THR A 45 -9.54 23.81 4.27
N TYR A 46 -9.96 24.21 3.08
CA TYR A 46 -9.34 25.41 2.54
C TYR A 46 -9.87 26.63 3.26
N SER A 47 -8.95 27.49 3.72
CA SER A 47 -9.34 28.76 4.30
C SER A 47 -8.27 29.81 3.94
N GLU A 48 -8.72 30.99 3.51
CA GLU A 48 -7.80 32.06 3.14
C GLU A 48 -6.74 32.25 4.22
N PRO A 49 -5.47 31.96 3.89
CA PRO A 49 -4.37 32.00 4.86
C PRO A 49 -4.34 33.28 5.68
N LYS A 50 -4.30 34.42 5.02
CA LYS A 50 -4.13 35.69 5.71
C LYS A 50 -5.27 36.08 6.64
N SER A 51 -6.48 35.58 6.35
CA SER A 51 -7.65 35.97 7.14
C SER A 51 -8.15 34.88 8.09
N THR A 52 -7.33 33.84 8.28
CA THR A 52 -7.71 32.73 9.14
C THR A 52 -6.74 32.60 10.31
N PRO A 53 -7.27 32.64 11.54
CA PRO A 53 -6.44 32.49 12.75
C PRO A 53 -5.70 31.17 12.76
N LYS A 54 -4.44 31.19 13.19
CA LYS A 54 -3.70 29.95 13.34
C LYS A 54 -4.44 29.04 14.32
N GLY A 55 -4.50 27.74 14.02
CA GLY A 55 -5.15 26.79 14.90
C GLY A 55 -6.62 26.55 14.59
N ALA A 56 -7.21 27.40 13.75
CA ALA A 56 -8.63 27.29 13.43
C ALA A 56 -8.93 25.99 12.70
N CYS A 57 -8.02 25.61 11.82
CA CYS A 57 -8.20 24.38 11.07
C CYS A 57 -8.12 23.17 12.00
N ALA A 58 -7.12 23.15 12.87
CA ALA A 58 -6.97 22.03 13.81
C ALA A 58 -8.21 21.89 14.67
N THR A 59 -8.66 23.01 15.23
CA THR A 59 -9.85 22.99 16.09
C THR A 59 -11.06 22.45 15.35
N SER A 60 -11.22 22.86 14.10
CA SER A 60 -12.36 22.47 13.30
C SER A 60 -12.34 20.99 12.96
N VAL A 61 -11.16 20.47 12.64
CA VAL A 61 -11.03 19.05 12.33
C VAL A 61 -11.36 18.22 13.57
N LYS A 62 -10.87 18.64 14.73
CA LYS A 62 -11.22 17.96 15.97
C LYS A 62 -12.74 17.98 16.22
N VAL A 63 -13.37 19.13 16.03
CA VAL A 63 -14.81 19.26 16.25
C VAL A 63 -15.59 18.39 15.27
N ALA A 64 -15.12 18.39 14.03
CA ALA A 64 -15.74 17.56 12.99
C ALA A 64 -15.71 16.09 13.39
N ILE A 65 -14.57 15.60 13.85
CA ILE A 65 -14.45 14.21 14.23
C ILE A 65 -15.33 13.90 15.44
N ASP A 66 -15.37 14.81 16.41
CA ASP A 66 -16.28 14.68 17.54
C ASP A 66 -17.73 14.58 17.07
N THR A 67 -18.07 15.37 16.07
CA THR A 67 -19.43 15.43 15.52
C THR A 67 -19.84 14.16 14.78
N GLY A 68 -18.87 13.48 14.17
CA GLY A 68 -19.14 12.25 13.46
C GLY A 68 -18.53 12.19 12.07
N TYR A 69 -17.88 13.28 11.64
CA TYR A 69 -17.19 13.27 10.35
C TYR A 69 -16.05 12.26 10.42
N ARG A 70 -15.84 11.52 9.34
CA ARG A 70 -14.74 10.57 9.28
C ARG A 70 -13.92 10.77 7.99
N HIS A 71 -14.16 11.89 7.33
CA HIS A 71 -13.50 12.23 6.07
C HIS A 71 -13.05 13.68 6.18
N ILE A 72 -11.77 13.93 5.91
CA ILE A 72 -11.22 15.28 5.90
C ILE A 72 -10.56 15.52 4.54
N ASP A 73 -10.90 16.63 3.90
CA ASP A 73 -10.28 16.99 2.62
C ASP A 73 -9.31 18.13 2.83
N GLY A 74 -8.06 17.93 2.43
CA GLY A 74 -7.03 18.94 2.58
C GLY A 74 -6.08 19.00 1.41
N ALA A 75 -5.06 19.84 1.53
CA ALA A 75 -4.03 19.96 0.50
C ALA A 75 -2.84 20.68 1.06
N TYR A 76 -1.64 20.26 0.69
CA TYR A 76 -0.46 20.91 1.20
C TYR A 76 -0.48 22.42 0.93
N ILE A 77 -0.99 22.80 -0.24
CA ILE A 77 -0.95 24.21 -0.63
C ILE A 77 -1.99 25.05 0.12
N TYR A 78 -2.87 24.41 0.89
CA TYR A 78 -3.79 25.16 1.78
C TYR A 78 -3.03 25.75 2.97
N GLN A 79 -1.77 25.34 3.13
CA GLN A 79 -0.86 25.88 4.13
C GLN A 79 -1.18 25.49 5.58
N ASN A 80 -2.15 24.59 5.75
CA ASN A 80 -2.58 24.15 7.08
C ASN A 80 -2.60 22.64 7.23
N GLU A 81 -1.91 21.94 6.35
CA GLU A 81 -1.94 20.49 6.40
C GLU A 81 -1.32 19.99 7.72
N HIS A 82 -0.43 20.77 8.33
CA HIS A 82 0.14 20.37 9.60
C HIS A 82 -0.92 20.44 10.71
N GLU A 83 -1.88 21.37 10.58
CA GLU A 83 -2.97 21.44 11.54
C GLU A 83 -3.91 20.25 11.38
N VAL A 84 -4.17 19.87 10.13
CA VAL A 84 -4.99 18.70 9.86
C VAL A 84 -4.38 17.46 10.53
N GLY A 85 -3.09 17.24 10.34
CA GLY A 85 -2.40 16.13 10.96
C GLY A 85 -2.43 16.18 12.49
N GLU A 86 -2.19 17.35 13.06
CA GLU A 86 -2.25 17.51 14.51
C GLU A 86 -3.61 17.05 15.06
N ALA A 87 -4.67 17.46 14.39
CA ALA A 87 -6.02 17.13 14.86
C ALA A 87 -6.32 15.64 14.74
N ILE A 88 -6.04 15.08 13.57
CA ILE A 88 -6.27 13.67 13.34
C ILE A 88 -5.46 12.84 14.34
N ARG A 89 -4.19 13.19 14.51
CA ARG A 89 -3.36 12.41 15.41
C ARG A 89 -3.84 12.50 16.86
N GLU A 90 -4.30 13.68 17.26
CA GLU A 90 -4.81 13.84 18.60
C GLU A 90 -6.04 12.96 18.84
N LYS A 91 -6.91 12.87 17.84
CA LYS A 91 -8.13 12.09 17.98
C LYS A 91 -7.82 10.59 17.99
N ILE A 92 -6.78 10.19 17.27
CA ILE A 92 -6.36 8.79 17.29
C ILE A 92 -5.73 8.48 18.64
N ALA A 93 -4.92 9.40 19.13
CA ALA A 93 -4.20 9.20 20.40
C ALA A 93 -5.15 9.01 21.59
N GLU A 94 -6.25 9.76 21.60
CA GLU A 94 -7.18 9.70 22.72
C GLU A 94 -8.16 8.53 22.58
N GLY A 95 -8.12 7.86 21.44
CA GLY A 95 -8.97 6.70 21.20
C GLY A 95 -10.35 7.02 20.66
N LYS A 96 -10.53 8.24 20.15
CA LYS A 96 -11.81 8.60 19.53
C LYS A 96 -12.00 7.81 18.24
N VAL A 97 -10.93 7.67 17.47
CA VAL A 97 -10.94 6.86 16.26
C VAL A 97 -9.62 6.10 16.15
N ARG A 98 -9.60 5.04 15.34
CA ARG A 98 -8.35 4.44 14.89
C ARG A 98 -8.00 5.06 13.55
N ARG A 99 -6.74 4.95 13.15
CA ARG A 99 -6.32 5.46 11.84
C ARG A 99 -7.25 4.99 10.71
N GLU A 100 -7.61 3.70 10.72
CA GLU A 100 -8.42 3.12 9.66
C GLU A 100 -9.84 3.72 9.56
N ASP A 101 -10.28 4.37 10.63
CA ASP A 101 -11.62 4.98 10.68
C ASP A 101 -11.67 6.35 10.01
N ILE A 102 -10.49 6.93 9.79
CA ILE A 102 -10.39 8.27 9.21
C ILE A 102 -9.95 8.21 7.74
N PHE A 103 -10.58 9.01 6.91
CA PHE A 103 -10.29 9.07 5.49
C PHE A 103 -9.73 10.47 5.20
N TYR A 104 -8.44 10.56 4.90
CA TYR A 104 -7.85 11.84 4.52
C TYR A 104 -7.53 11.88 3.04
N CYS A 105 -7.96 12.94 2.35
CA CYS A 105 -7.59 13.16 0.96
C CYS A 105 -6.62 14.34 0.86
N GLY A 106 -5.47 14.11 0.20
CA GLY A 106 -4.50 15.15 -0.09
C GLY A 106 -4.40 15.33 -1.60
N LYS A 107 -3.66 16.35 -2.05
CA LYS A 107 -3.65 16.73 -3.47
C LYS A 107 -2.26 17.13 -3.98
N LEU A 108 -1.95 16.71 -5.20
CA LEU A 108 -0.68 17.02 -5.84
C LEU A 108 -0.85 18.29 -6.68
N TRP A 109 -0.21 19.39 -6.28
CA TRP A 109 -0.41 20.66 -6.95
C TRP A 109 0.33 20.76 -8.30
N ALA A 110 -0.10 21.73 -9.11
CA ALA A 110 0.40 21.96 -10.47
C ALA A 110 1.91 22.04 -10.62
N THR A 111 2.59 22.60 -9.61
CA THR A 111 4.04 22.79 -9.69
C THR A 111 4.82 21.50 -9.37
N ASN A 112 4.08 20.42 -9.14
CA ASN A 112 4.67 19.16 -8.68
C ASN A 112 4.29 17.99 -9.58
N HIS A 113 4.10 18.25 -10.88
CA HIS A 113 3.58 17.23 -11.77
C HIS A 113 4.66 16.44 -12.52
N VAL A 114 5.89 16.95 -12.55
CA VAL A 114 6.97 16.17 -13.15
C VAL A 114 7.06 14.86 -12.39
N PRO A 115 7.03 13.72 -13.11
CA PRO A 115 6.94 12.41 -12.48
C PRO A 115 7.92 12.20 -11.32
N GLU A 116 9.17 12.63 -11.48
CA GLU A 116 10.18 12.45 -10.44
C GLU A 116 9.83 13.20 -9.16
N MET A 117 8.98 14.21 -9.27
CA MET A 117 8.56 15.01 -8.11
C MET A 117 7.36 14.44 -7.37
N VAL A 118 6.64 13.52 -8.01
CA VAL A 118 5.37 13.04 -7.44
C VAL A 118 5.54 12.36 -6.08
N ARG A 119 6.36 11.32 -6.03
CA ARG A 119 6.57 10.62 -4.75
C ARG A 119 7.17 11.52 -3.65
N PRO A 120 8.21 12.32 -3.96
CA PRO A 120 8.72 13.24 -2.94
C PRO A 120 7.65 14.23 -2.45
N THR A 121 6.72 14.60 -3.33
CA THR A 121 5.66 15.52 -2.93
C THR A 121 4.69 14.85 -1.98
N LEU A 122 4.32 13.61 -2.29
CA LEU A 122 3.47 12.85 -1.38
C LEU A 122 4.18 12.62 -0.05
N GLU A 123 5.47 12.28 -0.12
CA GLU A 123 6.25 12.07 1.10
C GLU A 123 6.29 13.31 1.99
N ARG A 124 6.38 14.49 1.39
CA ARG A 124 6.32 15.74 2.17
C ARG A 124 5.01 15.82 2.94
N THR A 125 3.92 15.54 2.23
CA THR A 125 2.61 15.61 2.86
C THR A 125 2.46 14.60 4.00
N LEU A 126 3.00 13.39 3.82
CA LEU A 126 3.01 12.39 4.89
C LEU A 126 3.80 12.88 6.10
N ARG A 127 4.95 13.52 5.87
CA ARG A 127 5.76 14.06 6.95
C ARG A 127 5.06 15.23 7.65
N VAL A 128 4.33 16.02 6.86
CA VAL A 128 3.64 17.16 7.42
C VAL A 128 2.47 16.72 8.31
N LEU A 129 1.72 15.73 7.82
CA LEU A 129 0.66 15.12 8.61
C LEU A 129 1.21 14.27 9.76
N GLN A 130 2.44 13.78 9.58
CA GLN A 130 3.03 12.77 10.47
C GLN A 130 2.18 11.49 10.47
N LEU A 131 1.78 11.09 9.28
CA LEU A 131 1.01 9.85 9.07
C LEU A 131 1.76 8.97 8.06
N ASP A 132 1.47 7.66 8.08
CA ASP A 132 2.14 6.65 7.23
C ASP A 132 1.61 6.59 5.80
N TYR A 133 0.37 7.00 5.62
CA TYR A 133 -0.28 6.95 4.32
C TYR A 133 -1.43 7.93 4.32
N VAL A 134 -1.87 8.30 3.12
CA VAL A 134 -3.13 9.01 2.97
C VAL A 134 -4.15 8.07 2.34
N ASP A 135 -5.43 8.33 2.58
CA ASP A 135 -6.47 7.46 2.02
C ASP A 135 -6.70 7.70 0.54
N LEU A 136 -6.60 8.96 0.14
CA LEU A 136 -6.82 9.35 -1.26
C LEU A 136 -5.82 10.44 -1.62
N TYR A 137 -5.14 10.28 -2.76
CA TYR A 137 -4.23 11.31 -3.24
C TYR A 137 -4.63 11.64 -4.67
N ILE A 138 -4.85 12.91 -4.95
CA ILE A 138 -5.38 13.28 -6.25
C ILE A 138 -4.58 14.36 -6.95
N ILE A 139 -4.54 14.28 -8.28
CA ILE A 139 -3.96 15.35 -9.08
C ILE A 139 -4.89 16.57 -8.95
N GLU A 140 -4.37 17.66 -8.40
CA GLU A 140 -5.20 18.78 -7.96
C GLU A 140 -5.86 19.55 -9.10
N VAL A 141 -5.09 19.79 -10.17
CA VAL A 141 -5.60 20.34 -11.43
C VAL A 141 -4.84 19.63 -12.53
N PRO A 142 -5.45 19.50 -13.73
CA PRO A 142 -4.73 18.88 -14.85
C PRO A 142 -3.61 19.75 -15.45
N MET A 143 -3.49 21.00 -15.02
CA MET A 143 -2.44 21.89 -15.53
C MET A 143 -1.12 21.79 -14.77
N ALA A 144 -0.01 21.72 -15.51
CA ALA A 144 1.30 21.75 -14.87
C ALA A 144 1.85 23.18 -14.88
N PHE A 145 2.40 23.62 -13.75
CA PHE A 145 3.04 24.93 -13.66
C PHE A 145 4.54 24.76 -13.44
N LYS A 146 5.29 25.83 -13.67
CA LYS A 146 6.73 25.77 -13.50
C LYS A 146 7.09 25.30 -12.09
N PRO A 147 7.83 24.19 -12.00
CA PRO A 147 8.31 23.68 -10.71
C PRO A 147 9.12 24.72 -9.97
N GLY A 148 9.07 24.71 -8.64
CA GLY A 148 9.79 25.69 -7.86
C GLY A 148 9.16 25.95 -6.50
N ASP A 149 9.57 27.05 -5.86
CA ASP A 149 9.14 27.36 -4.51
C ASP A 149 7.84 28.14 -4.46
N GLU A 150 7.49 28.77 -5.58
CA GLU A 150 6.24 29.50 -5.69
C GLU A 150 5.13 28.60 -6.21
N ILE A 151 4.07 28.43 -5.40
CA ILE A 151 2.94 27.63 -5.84
C ILE A 151 2.20 28.29 -7.01
N TYR A 152 2.39 29.60 -7.17
CA TYR A 152 1.81 30.33 -8.29
C TYR A 152 2.89 31.08 -9.05
N PRO A 153 3.56 30.40 -10.00
CA PRO A 153 4.70 30.95 -10.75
C PRO A 153 4.31 32.08 -11.69
N ARG A 154 4.67 33.30 -11.33
CA ARG A 154 4.45 34.45 -12.18
C ARG A 154 5.72 35.29 -12.28
N ASP A 155 6.02 35.77 -13.49
CA ASP A 155 7.21 36.60 -13.69
C ASP A 155 6.95 38.07 -13.36
N GLU A 156 7.85 38.93 -13.84
CA GLU A 156 7.76 40.37 -13.58
C GLU A 156 6.51 41.00 -14.18
N ASN A 157 6.13 40.54 -15.37
CA ASN A 157 4.99 41.08 -16.09
C ASN A 157 3.67 40.46 -15.64
N GLY A 158 3.67 39.88 -14.45
CA GLY A 158 2.51 39.21 -13.90
C GLY A 158 2.12 37.98 -14.70
N LYS A 159 2.96 37.62 -15.67
CA LYS A 159 2.69 36.48 -16.54
C LYS A 159 2.80 35.17 -15.77
N TRP A 160 1.94 34.21 -16.11
CA TRP A 160 2.00 32.89 -15.49
C TRP A 160 3.02 32.00 -16.20
N LEU A 161 3.90 31.40 -15.42
CA LEU A 161 4.92 30.52 -15.95
C LEU A 161 4.43 29.09 -15.96
N TYR A 162 3.99 28.62 -17.12
CA TYR A 162 3.43 27.29 -17.23
C TYR A 162 4.51 26.22 -17.39
N HIS A 163 4.05 24.99 -17.55
CA HIS A 163 4.92 23.85 -17.81
C HIS A 163 4.10 22.86 -18.63
N LYS A 164 4.78 22.11 -19.49
CA LYS A 164 4.09 21.17 -20.35
C LYS A 164 3.55 19.98 -19.55
N SER A 165 2.24 19.78 -19.62
CA SER A 165 1.60 18.67 -18.93
C SER A 165 1.85 17.35 -19.63
N ASN A 166 2.07 16.31 -18.85
CA ASN A 166 2.05 14.94 -19.35
C ASN A 166 1.29 14.10 -18.34
N LEU A 167 -0.03 14.07 -18.47
CA LEU A 167 -0.87 13.47 -17.44
C LEU A 167 -0.63 11.98 -17.23
N CYS A 168 -0.46 11.25 -18.33
CA CYS A 168 -0.23 9.82 -18.21
C CYS A 168 1.05 9.52 -17.47
N ALA A 169 2.09 10.32 -17.70
CA ALA A 169 3.36 10.13 -17.01
C ALA A 169 3.24 10.47 -15.53
N THR A 170 2.55 11.57 -15.22
CA THR A 170 2.29 11.95 -13.84
C THR A 170 1.51 10.84 -13.13
N TRP A 171 0.51 10.30 -13.82
CA TRP A 171 -0.30 9.21 -13.27
C TRP A 171 0.53 7.97 -12.94
N GLU A 172 1.44 7.62 -13.83
CA GLU A 172 2.30 6.46 -13.57
C GLU A 172 3.07 6.64 -12.28
N ALA A 173 3.51 7.87 -12.03
CA ALA A 173 4.21 8.16 -10.79
C ALA A 173 3.27 8.06 -9.59
N MET A 174 2.01 8.48 -9.77
CA MET A 174 1.00 8.28 -8.73
C MET A 174 0.81 6.80 -8.45
N GLU A 175 0.71 6.01 -9.52
CA GLU A 175 0.50 4.57 -9.38
C GLU A 175 1.60 3.92 -8.55
N ALA A 176 2.84 4.35 -8.75
CA ALA A 176 3.96 3.80 -7.99
C ALA A 176 3.83 4.13 -6.50
N CYS A 177 3.20 5.26 -6.20
CA CYS A 177 3.01 5.63 -4.80
C CYS A 177 2.05 4.65 -4.12
N LYS A 178 0.99 4.25 -4.82
CA LYS A 178 0.07 3.26 -4.27
C LYS A 178 0.79 1.91 -4.15
N ASP A 179 1.60 1.57 -5.15
CA ASP A 179 2.33 0.31 -5.12
C ASP A 179 3.21 0.22 -3.88
N ALA A 180 3.75 1.37 -3.47
CA ALA A 180 4.64 1.46 -2.30
C ALA A 180 3.90 1.44 -0.97
N GLY A 181 2.59 1.58 -1.01
CA GLY A 181 1.78 1.56 0.20
C GLY A 181 1.56 2.92 0.83
N LEU A 182 1.95 3.99 0.14
CA LEU A 182 1.88 5.35 0.68
C LEU A 182 0.49 5.98 0.58
N VAL A 183 -0.37 5.36 -0.23
CA VAL A 183 -1.71 5.87 -0.48
C VAL A 183 -2.62 4.72 -0.85
N LYS A 184 -3.83 4.72 -0.32
CA LYS A 184 -4.78 3.64 -0.58
C LYS A 184 -5.49 3.77 -1.92
N SER A 185 -5.92 4.99 -2.25
CA SER A 185 -6.70 5.23 -3.47
C SER A 185 -6.16 6.42 -4.25
N LEU A 186 -6.26 6.34 -5.57
CA LEU A 186 -5.80 7.41 -6.43
C LEU A 186 -6.96 8.07 -7.17
N GLY A 187 -6.87 9.38 -7.35
CA GLY A 187 -7.89 10.11 -8.08
C GLY A 187 -7.41 11.40 -8.71
N VAL A 188 -8.37 12.22 -9.13
CA VAL A 188 -8.05 13.45 -9.83
C VAL A 188 -9.05 14.53 -9.42
N SER A 189 -8.78 15.76 -9.84
CA SER A 189 -9.61 16.90 -9.51
C SER A 189 -9.60 17.89 -10.66
N ASN A 190 -10.75 18.49 -10.96
CA ASN A 190 -10.84 19.45 -12.06
C ASN A 190 -10.47 18.85 -13.41
N PHE A 191 -10.72 17.55 -13.56
CA PHE A 191 -10.49 16.86 -14.82
C PHE A 191 -11.77 16.83 -15.65
N ASN A 192 -11.66 17.15 -16.93
CA ASN A 192 -12.80 17.02 -17.83
C ASN A 192 -12.85 15.62 -18.46
N ARG A 193 -13.87 15.35 -19.28
CA ARG A 193 -14.01 14.02 -19.88
C ARG A 193 -12.77 13.60 -20.68
N ARG A 194 -12.21 14.52 -21.45
CA ARG A 194 -11.07 14.19 -22.30
C ARG A 194 -9.87 13.78 -21.45
N GLN A 195 -9.64 14.51 -20.36
CA GLN A 195 -8.51 14.24 -19.50
C GLN A 195 -8.71 12.95 -18.70
N LEU A 196 -9.96 12.67 -18.34
CA LEU A 196 -10.28 11.39 -17.72
C LEU A 196 -9.99 10.22 -18.67
N GLU A 197 -10.44 10.34 -19.91
CA GLU A 197 -10.23 9.27 -20.89
C GLU A 197 -8.74 9.04 -21.15
N LEU A 198 -7.98 10.12 -21.16
CA LEU A 198 -6.52 10.03 -21.31
C LEU A 198 -5.93 9.00 -20.33
N ILE A 199 -6.35 9.09 -19.08
CA ILE A 199 -5.87 8.16 -18.07
C ILE A 199 -6.51 6.78 -18.19
N LEU A 200 -7.83 6.75 -18.42
CA LEU A 200 -8.57 5.50 -18.49
C LEU A 200 -8.11 4.62 -19.64
N ASN A 201 -7.68 5.25 -20.74
CA ASN A 201 -7.24 4.55 -21.93
C ASN A 201 -5.72 4.37 -21.98
N LYS A 202 -5.04 4.71 -20.89
CA LYS A 202 -3.58 4.62 -20.85
C LYS A 202 -3.12 3.17 -21.05
N PRO A 203 -2.20 2.98 -21.99
CA PRO A 203 -1.66 1.62 -22.17
C PRO A 203 -0.98 1.20 -20.87
N GLY A 204 -1.38 0.05 -20.34
CA GLY A 204 -0.71 -0.51 -19.19
C GLY A 204 -1.21 0.03 -17.87
N LEU A 205 -2.32 0.77 -17.90
CA LEU A 205 -2.96 1.29 -16.69
C LEU A 205 -3.03 0.25 -15.58
N LYS A 206 -2.53 0.59 -14.41
CA LYS A 206 -2.56 -0.32 -13.26
C LYS A 206 -3.67 0.02 -12.29
N HIS A 207 -3.80 1.31 -11.97
CA HIS A 207 -4.80 1.77 -11.02
C HIS A 207 -5.68 2.83 -11.66
N LYS A 208 -6.92 2.50 -11.97
CA LYS A 208 -7.78 3.53 -12.53
C LYS A 208 -8.18 4.55 -11.47
N PRO A 209 -8.43 5.80 -11.88
CA PRO A 209 -8.89 6.83 -10.95
C PRO A 209 -10.22 6.43 -10.31
N VAL A 210 -10.35 6.57 -8.99
CA VAL A 210 -11.56 6.15 -8.30
C VAL A 210 -12.49 7.33 -7.99
N SER A 211 -11.99 8.53 -8.24
CA SER A 211 -12.64 9.75 -7.79
C SER A 211 -12.21 10.94 -8.67
N ASN A 212 -13.16 11.82 -8.99
CA ASN A 212 -12.87 13.09 -9.62
C ASN A 212 -13.51 14.15 -8.77
N GLN A 213 -12.72 15.09 -8.26
CA GLN A 213 -13.23 16.12 -7.36
C GLN A 213 -13.45 17.40 -8.15
N VAL A 214 -14.71 17.81 -8.24
CA VAL A 214 -15.07 18.95 -9.06
C VAL A 214 -16.15 19.77 -8.38
N GLU A 215 -16.26 21.03 -8.79
CA GLU A 215 -17.34 21.90 -8.30
C GLU A 215 -18.69 21.24 -8.56
N CYS A 216 -19.52 21.12 -7.53
CA CYS A 216 -20.83 20.52 -7.70
C CYS A 216 -21.83 20.92 -6.64
N HIS A 217 -22.97 21.45 -7.08
CA HIS A 217 -24.03 21.96 -6.20
C HIS A 217 -25.22 22.28 -7.09
N PRO A 218 -26.36 22.69 -6.50
CA PRO A 218 -27.53 22.91 -7.35
C PRO A 218 -27.38 23.95 -8.48
N TYR A 219 -26.45 24.91 -8.39
CA TYR A 219 -26.28 25.86 -9.49
C TYR A 219 -25.31 25.33 -10.56
N PHE A 220 -24.59 24.27 -10.24
CA PHE A 220 -23.72 23.60 -11.21
C PHE A 220 -23.74 22.11 -10.93
N THR A 221 -24.73 21.42 -11.47
CA THR A 221 -25.03 20.04 -11.07
C THR A 221 -24.20 18.94 -11.74
N GLN A 222 -23.36 19.31 -12.72
CA GLN A 222 -22.50 18.33 -13.41
C GLN A 222 -23.23 17.11 -13.99
N PRO A 223 -24.33 17.35 -14.74
CA PRO A 223 -25.11 16.20 -15.22
C PRO A 223 -24.35 15.22 -16.13
N LYS A 224 -23.61 15.74 -17.11
CA LYS A 224 -22.90 14.88 -18.07
C LYS A 224 -21.64 14.27 -17.49
N LEU A 225 -20.86 15.07 -16.77
CA LEU A 225 -19.65 14.58 -16.15
C LEU A 225 -19.97 13.49 -15.12
N LEU A 226 -21.05 13.69 -14.36
CA LEU A 226 -21.49 12.67 -13.39
C LEU A 226 -21.85 11.35 -14.07
N LYS A 227 -22.61 11.44 -15.16
CA LYS A 227 -22.97 10.22 -15.90
C LYS A 227 -21.74 9.53 -16.43
N PHE A 228 -20.81 10.31 -16.99
CA PHE A 228 -19.60 9.72 -17.53
C PHE A 228 -18.81 9.03 -16.45
N CYS A 229 -18.68 9.69 -15.29
CA CYS A 229 -17.93 9.08 -14.19
C CYS A 229 -18.61 7.81 -13.68
N GLN A 230 -19.94 7.84 -13.57
CA GLN A 230 -20.66 6.67 -13.12
C GLN A 230 -20.45 5.49 -14.07
N GLN A 231 -20.32 5.78 -15.36
CA GLN A 231 -20.07 4.72 -16.33
C GLN A 231 -18.76 4.00 -16.03
N HIS A 232 -17.77 4.74 -15.53
CA HIS A 232 -16.44 4.19 -15.28
C HIS A 232 -16.19 3.89 -13.80
N ASP A 233 -17.27 3.85 -13.02
CA ASP A 233 -17.19 3.60 -11.58
C ASP A 233 -16.27 4.60 -10.88
N ILE A 234 -16.34 5.85 -11.29
CA ILE A 234 -15.61 6.93 -10.65
C ILE A 234 -16.61 7.72 -9.83
N VAL A 235 -16.33 7.89 -8.54
CA VAL A 235 -17.20 8.70 -7.68
C VAL A 235 -16.86 10.18 -7.79
N ILE A 236 -17.88 11.02 -7.92
CA ILE A 236 -17.66 12.46 -7.90
C ILE A 236 -17.62 12.95 -6.47
N THR A 237 -16.60 13.73 -6.14
CA THR A 237 -16.60 14.50 -4.90
C THR A 237 -16.92 15.94 -5.24
N ALA A 238 -17.97 16.46 -4.61
CA ALA A 238 -18.43 17.81 -4.84
C ALA A 238 -17.64 18.79 -4.02
N TYR A 239 -16.72 19.51 -4.63
CA TYR A 239 -16.08 20.61 -3.92
C TYR A 239 -16.94 21.87 -4.01
N SER A 240 -16.67 22.83 -3.12
CA SER A 240 -17.56 23.98 -2.95
C SER A 240 -19.04 23.59 -3.01
N PRO A 241 -19.44 22.56 -2.25
CA PRO A 241 -20.80 22.02 -2.32
C PRO A 241 -21.86 22.99 -1.77
N LEU A 242 -21.41 24.03 -1.08
CA LEU A 242 -22.31 25.07 -0.57
C LEU A 242 -22.21 26.35 -1.40
N GLY A 243 -21.51 26.27 -2.53
CA GLY A 243 -21.40 27.40 -3.43
C GLY A 243 -20.26 28.39 -3.19
N THR A 244 -19.24 27.95 -2.44
CA THR A 244 -18.06 28.76 -2.08
C THR A 244 -18.29 29.83 -1.01
N SER A 245 -17.18 30.40 -0.55
CA SER A 245 -17.22 31.51 0.39
C SER A 245 -17.51 32.81 -0.34
N ARG A 246 -17.54 32.74 -1.67
CA ARG A 246 -17.84 33.89 -2.52
C ARG A 246 -16.79 34.99 -2.39
N ASN A 247 -15.54 34.59 -2.22
CA ASN A 247 -14.43 35.55 -2.27
C ASN A 247 -14.20 36.03 -3.71
N PRO A 248 -14.47 37.32 -3.95
CA PRO A 248 -14.37 37.92 -5.30
C PRO A 248 -13.01 37.79 -5.95
N ILE A 249 -11.96 37.58 -5.15
CA ILE A 249 -10.61 37.46 -5.67
C ILE A 249 -10.48 36.32 -6.68
N TRP A 250 -11.24 35.26 -6.48
CA TRP A 250 -11.14 34.09 -7.36
C TRP A 250 -12.49 33.46 -7.66
N VAL A 251 -13.53 33.90 -6.96
CA VAL A 251 -14.86 33.35 -7.17
C VAL A 251 -15.68 34.21 -8.11
N ASN A 252 -16.37 33.56 -9.04
CA ASN A 252 -17.30 34.23 -9.93
C ASN A 252 -18.58 34.54 -9.20
N VAL A 253 -18.76 35.81 -8.82
CA VAL A 253 -19.93 36.19 -8.03
C VAL A 253 -21.10 36.71 -8.88
N SER A 254 -21.10 36.36 -10.18
CA SER A 254 -22.22 36.70 -11.06
C SER A 254 -23.51 36.05 -10.56
N SER A 255 -23.45 34.75 -10.27
CA SER A 255 -24.60 34.05 -9.71
C SER A 255 -24.88 34.50 -8.27
N PRO A 256 -26.16 34.73 -7.95
CA PRO A 256 -26.61 35.09 -6.59
C PRO A 256 -26.18 34.00 -5.60
N PRO A 257 -26.14 34.33 -4.31
CA PRO A 257 -25.69 33.36 -3.30
C PRO A 257 -26.56 32.11 -3.30
N LEU A 258 -25.93 30.95 -3.45
CA LEU A 258 -26.63 29.67 -3.51
C LEU A 258 -27.52 29.45 -2.28
N LEU A 259 -27.02 29.83 -1.11
CA LEU A 259 -27.72 29.52 0.14
C LEU A 259 -28.91 30.44 0.34
N LYS A 260 -29.08 31.42 -0.55
CA LYS A 260 -30.21 32.35 -0.47
C LYS A 260 -31.28 31.99 -1.48
N ASP A 261 -31.07 30.89 -2.20
CA ASP A 261 -32.00 30.45 -3.22
C ASP A 261 -33.41 30.23 -2.66
N ALA A 262 -34.41 30.78 -3.34
CA ALA A 262 -35.79 30.70 -2.88
C ALA A 262 -36.27 29.26 -2.66
N LEU A 263 -36.05 28.40 -3.66
CA LEU A 263 -36.51 27.02 -3.56
C LEU A 263 -35.79 26.29 -2.43
N LEU A 264 -34.47 26.45 -2.38
CA LEU A 264 -33.69 25.75 -1.36
C LEU A 264 -34.15 26.13 0.03
N ASN A 265 -34.47 27.42 0.21
CA ASN A 265 -34.95 27.87 1.51
C ASN A 265 -36.37 27.39 1.80
N SER A 266 -37.22 27.40 0.78
CA SER A 266 -38.58 26.91 0.92
C SER A 266 -38.56 25.43 1.33
N LEU A 267 -37.72 24.64 0.65
CA LEU A 267 -37.63 23.22 0.97
C LEU A 267 -37.09 23.05 2.38
N GLY A 268 -36.18 23.93 2.76
CA GLY A 268 -35.67 23.96 4.13
C GLY A 268 -36.76 24.11 5.18
N LYS A 269 -37.70 25.01 4.96
CA LYS A 269 -38.81 25.17 5.90
C LYS A 269 -39.59 23.86 6.08
N ARG A 270 -39.80 23.15 4.98
CA ARG A 270 -40.57 21.92 4.99
C ARG A 270 -39.95 20.89 5.93
N TYR A 271 -38.62 20.76 5.87
CA TYR A 271 -37.91 19.79 6.69
C TYR A 271 -37.33 20.37 7.98
N ASN A 272 -37.59 21.65 8.23
CA ASN A 272 -36.94 22.39 9.31
C ASN A 272 -35.43 22.21 9.22
N LYS A 273 -34.90 22.38 8.01
CA LYS A 273 -33.48 22.29 7.74
C LYS A 273 -33.07 23.57 7.03
N THR A 274 -31.80 23.93 7.12
CA THR A 274 -31.31 25.12 6.42
C THR A 274 -31.10 24.80 4.94
N ALA A 275 -30.91 25.85 4.14
CA ALA A 275 -30.65 25.64 2.71
C ALA A 275 -29.37 24.83 2.56
N ALA A 276 -28.38 25.11 3.40
CA ALA A 276 -27.13 24.35 3.37
C ALA A 276 -27.41 22.85 3.53
N GLN A 277 -28.25 22.50 4.49
CA GLN A 277 -28.55 21.10 4.74
C GLN A 277 -29.28 20.46 3.57
N ILE A 278 -30.15 21.23 2.92
CA ILE A 278 -30.87 20.77 1.73
C ILE A 278 -29.89 20.50 0.59
N VAL A 279 -28.96 21.41 0.34
CA VAL A 279 -28.03 21.23 -0.78
C VAL A 279 -27.04 20.09 -0.54
N LEU A 280 -26.68 19.86 0.71
CA LEU A 280 -25.78 18.75 1.03
C LEU A 280 -26.52 17.43 0.87
N ARG A 281 -27.73 17.36 1.42
CA ARG A 281 -28.56 16.18 1.27
C ARG A 281 -28.80 15.84 -0.20
N PHE A 282 -29.07 16.87 -0.99
CA PHE A 282 -29.29 16.68 -2.44
C PHE A 282 -28.15 15.89 -3.08
N ASN A 283 -26.92 16.34 -2.87
CA ASN A 283 -25.80 15.64 -3.49
C ASN A 283 -25.53 14.25 -2.91
N ILE A 284 -25.57 14.09 -1.59
CA ILE A 284 -25.30 12.76 -1.05
C ILE A 284 -26.38 11.75 -1.47
N GLN A 285 -27.61 12.23 -1.64
CA GLN A 285 -28.71 11.35 -2.00
C GLN A 285 -28.53 10.81 -3.41
N ARG A 286 -27.78 11.53 -4.24
CA ARG A 286 -27.50 11.08 -5.60
C ARG A 286 -26.14 10.39 -5.71
N GLY A 287 -25.52 10.09 -4.57
CA GLY A 287 -24.27 9.34 -4.54
C GLY A 287 -23.03 10.18 -4.76
N VAL A 288 -23.16 11.49 -4.59
CA VAL A 288 -22.05 12.42 -4.75
C VAL A 288 -21.49 12.76 -3.38
N VAL A 289 -20.20 12.56 -3.20
CA VAL A 289 -19.55 12.90 -1.94
C VAL A 289 -19.52 14.41 -1.77
N VAL A 290 -19.79 14.91 -0.56
CA VAL A 290 -19.74 16.35 -0.34
C VAL A 290 -18.70 16.69 0.71
N ILE A 291 -17.93 17.77 0.48
CA ILE A 291 -16.89 18.18 1.42
C ILE A 291 -17.01 19.64 1.84
N PRO A 292 -18.15 20.00 2.46
CA PRO A 292 -18.37 21.38 2.90
C PRO A 292 -17.30 21.81 3.89
N LYS A 293 -16.76 23.01 3.71
CA LYS A 293 -15.84 23.59 4.67
C LYS A 293 -16.58 24.50 5.64
N SER A 294 -16.37 24.28 6.93
CA SER A 294 -16.71 25.28 7.93
C SER A 294 -15.70 25.22 9.05
N PHE A 295 -15.25 26.39 9.51
CA PHE A 295 -14.40 26.47 10.69
C PHE A 295 -15.22 27.08 11.83
N ASN A 296 -16.55 26.99 11.69
CA ASN A 296 -17.47 27.49 12.69
C ASN A 296 -18.12 26.33 13.45
N LEU A 297 -18.02 26.36 14.77
CA LEU A 297 -18.52 25.28 15.61
C LEU A 297 -19.96 24.86 15.24
N GLU A 298 -20.87 25.83 15.18
CA GLU A 298 -22.27 25.54 14.93
C GLU A 298 -22.51 25.03 13.52
N ARG A 299 -21.82 25.62 12.55
CA ARG A 299 -22.03 25.22 11.16
C ARG A 299 -21.40 23.87 10.83
N ILE A 300 -20.28 23.55 11.47
CA ILE A 300 -19.71 22.22 11.33
C ILE A 300 -20.75 21.17 11.72
N LYS A 301 -21.42 21.38 12.85
CA LYS A 301 -22.44 20.44 13.30
C LYS A 301 -23.64 20.44 12.36
N GLU A 302 -24.06 21.64 11.96
CA GLU A 302 -25.21 21.79 11.07
C GLU A 302 -25.05 20.97 9.78
N ASN A 303 -23.88 21.08 9.16
CA ASN A 303 -23.64 20.43 7.88
C ASN A 303 -23.70 18.89 7.95
N PHE A 304 -23.49 18.34 9.15
CA PHE A 304 -23.47 16.89 9.33
C PHE A 304 -24.86 16.31 9.54
N GLN A 305 -25.83 17.14 9.90
CA GLN A 305 -27.17 16.66 10.22
C GLN A 305 -27.99 16.48 8.94
N ILE A 306 -27.57 15.52 8.11
CA ILE A 306 -28.21 15.33 6.81
C ILE A 306 -28.58 13.87 6.59
N PHE A 307 -28.69 13.11 7.69
CA PHE A 307 -29.03 11.69 7.61
C PHE A 307 -30.40 11.38 8.22
N ASP A 308 -31.08 12.41 8.72
CA ASP A 308 -32.34 12.20 9.44
C ASP A 308 -33.57 12.64 8.63
N PHE A 309 -33.35 12.86 7.34
CA PHE A 309 -34.44 13.15 6.42
C PHE A 309 -33.99 12.77 5.03
N SER A 310 -34.92 12.74 4.08
CA SER A 310 -34.59 12.49 2.69
C SER A 310 -35.50 13.32 1.79
N LEU A 311 -35.01 13.65 0.62
CA LEU A 311 -35.78 14.43 -0.34
C LEU A 311 -36.58 13.50 -1.23
N THR A 312 -37.80 13.92 -1.54
CA THR A 312 -38.65 13.17 -2.46
C THR A 312 -38.07 13.27 -3.86
N GLU A 313 -38.50 12.39 -4.75
CA GLU A 313 -38.00 12.40 -6.12
C GLU A 313 -38.32 13.71 -6.82
N GLU A 314 -39.51 14.24 -6.57
CA GLU A 314 -39.92 15.51 -7.17
C GLU A 314 -39.09 16.67 -6.63
N GLU A 315 -38.77 16.60 -5.34
CA GLU A 315 -37.86 17.57 -4.75
C GLU A 315 -36.47 17.48 -5.37
N MET A 316 -35.99 16.27 -5.56
CA MET A 316 -34.68 16.07 -6.19
C MET A 316 -34.69 16.65 -7.62
N LYS A 317 -35.77 16.39 -8.34
CA LYS A 317 -35.91 16.93 -9.70
C LYS A 317 -35.91 18.44 -9.72
N ASP A 318 -36.66 19.05 -8.81
CA ASP A 318 -36.76 20.50 -8.74
C ASP A 318 -35.45 21.16 -8.35
N ILE A 319 -34.67 20.48 -7.50
CA ILE A 319 -33.39 21.02 -7.07
C ILE A 319 -32.38 20.97 -8.22
N GLU A 320 -32.33 19.83 -8.89
CA GLU A 320 -31.42 19.65 -10.02
C GLU A 320 -31.73 20.68 -11.10
N ALA A 321 -33.00 21.06 -11.21
CA ALA A 321 -33.46 22.01 -12.22
C ALA A 321 -32.96 23.42 -11.96
N LEU A 322 -32.33 23.63 -10.81
CA LEU A 322 -31.74 24.93 -10.50
C LEU A 322 -30.41 25.12 -11.25
N ASN A 323 -29.93 24.05 -11.87
CA ASN A 323 -28.67 24.09 -12.58
C ASN A 323 -28.56 25.29 -13.52
N LYS A 324 -27.49 26.08 -13.37
CA LYS A 324 -27.29 27.26 -14.19
C LYS A 324 -26.19 27.10 -15.25
N ASN A 325 -25.41 26.03 -15.15
CA ASN A 325 -24.24 25.89 -16.02
C ASN A 325 -23.31 27.08 -15.90
N VAL A 326 -23.28 27.68 -14.72
CA VAL A 326 -22.34 28.74 -14.42
C VAL A 326 -21.52 28.36 -13.21
N ARG A 327 -20.20 28.44 -13.35
CA ARG A 327 -19.31 28.03 -12.29
C ARG A 327 -19.01 29.18 -11.36
N PHE A 328 -18.95 28.89 -10.06
CA PHE A 328 -18.40 29.82 -9.10
C PHE A 328 -16.87 29.79 -9.22
N VAL A 329 -16.35 28.64 -9.62
CA VAL A 329 -14.90 28.46 -9.73
C VAL A 329 -14.48 28.27 -11.20
N GLU A 330 -14.07 29.37 -11.82
CA GLU A 330 -13.78 29.38 -13.25
C GLU A 330 -12.29 29.35 -13.54
N LEU A 331 -11.49 29.91 -12.65
CA LEU A 331 -10.04 29.92 -12.80
C LEU A 331 -9.63 30.56 -14.14
N LEU A 332 -10.16 31.74 -14.42
CA LEU A 332 -9.98 32.37 -15.71
C LEU A 332 -8.51 32.69 -16.00
N MET A 333 -7.74 32.96 -14.94
CA MET A 333 -6.34 33.31 -15.07
C MET A 333 -5.57 32.26 -15.86
N TRP A 334 -6.13 31.05 -15.93
CA TRP A 334 -5.42 29.93 -16.51
C TRP A 334 -6.10 29.38 -17.76
N ARG A 335 -6.97 30.19 -18.36
CA ARG A 335 -7.67 29.79 -19.58
C ARG A 335 -6.73 29.51 -20.74
N ASP A 336 -5.54 30.09 -20.69
CA ASP A 336 -4.56 29.94 -21.76
C ASP A 336 -3.61 28.75 -21.59
N HIS A 337 -3.66 28.10 -20.43
CA HIS A 337 -2.89 26.85 -20.26
C HIS A 337 -3.53 25.76 -21.11
N PRO A 338 -2.72 24.97 -21.84
CA PRO A 338 -3.27 23.93 -22.71
C PRO A 338 -4.19 22.93 -22.01
N GLU A 339 -4.05 22.76 -20.70
CA GLU A 339 -4.87 21.77 -19.99
C GLU A 339 -6.02 22.40 -19.20
N TYR A 340 -6.31 23.67 -19.47
CA TYR A 340 -7.48 24.29 -18.85
C TYR A 340 -8.67 23.37 -19.12
N PRO A 341 -9.39 22.97 -18.05
CA PRO A 341 -10.38 21.90 -18.14
C PRO A 341 -11.78 22.35 -18.54
N PHE A 342 -12.05 23.65 -18.49
CA PHE A 342 -13.42 24.14 -18.57
C PHE A 342 -13.80 24.76 -19.93
N HIS A 343 -12.95 24.60 -20.94
CA HIS A 343 -13.34 25.02 -22.28
C HIS A 343 -14.38 24.05 -22.79
N ASP A 344 -14.08 22.76 -22.65
CA ASP A 344 -14.98 21.70 -23.11
C ASP A 344 -16.32 21.76 -22.40
N GLU A 345 -17.34 21.19 -23.04
CA GLU A 345 -18.69 21.17 -22.47
C GLU A 345 -18.66 20.49 -21.10
N TYR A 346 -18.01 19.33 -21.07
CA TYR A 346 -17.73 18.62 -19.83
C TYR A 346 -16.53 17.72 -20.05
N ASP B 22 3.65 -38.46 2.73
CA ASP B 22 3.71 -38.45 1.28
C ASP B 22 3.49 -37.05 0.72
N LEU B 23 4.24 -36.71 -0.32
CA LEU B 23 4.12 -35.43 -1.00
C LEU B 23 3.76 -35.66 -2.46
N SER B 24 2.82 -34.88 -2.97
CA SER B 24 2.50 -34.91 -4.41
C SER B 24 2.34 -33.50 -4.93
N ALA B 25 2.29 -33.37 -6.24
CA ALA B 25 2.09 -32.07 -6.86
C ALA B 25 0.80 -31.43 -6.34
N ALA B 26 -0.24 -32.24 -6.18
CA ALA B 26 -1.56 -31.72 -5.79
C ALA B 26 -1.64 -31.42 -4.29
N SER B 27 -0.86 -32.15 -3.50
CA SER B 27 -0.92 -32.01 -2.05
C SER B 27 0.47 -32.19 -1.46
N HIS B 28 1.06 -31.08 -1.03
CA HIS B 28 2.41 -31.13 -0.45
C HIS B 28 2.59 -30.14 0.69
N ARG B 29 1.55 -29.97 1.50
CA ARG B 29 1.64 -29.11 2.67
C ARG B 29 2.07 -29.93 3.86
N ILE B 30 2.97 -29.36 4.67
CA ILE B 30 3.42 -30.00 5.89
C ILE B 30 3.03 -29.16 7.10
N PRO B 31 2.90 -29.81 8.26
CA PRO B 31 2.29 -29.09 9.38
C PRO B 31 3.21 -28.10 10.08
N LEU B 32 2.63 -26.97 10.46
CA LEU B 32 3.29 -26.01 11.35
C LEU B 32 2.73 -26.23 12.75
N SER B 33 3.52 -25.87 13.77
CA SER B 33 3.18 -26.20 15.14
C SER B 33 1.94 -25.51 15.67
N ASP B 34 1.51 -24.45 14.99
CA ASP B 34 0.32 -23.70 15.40
C ASP B 34 -0.96 -24.24 14.76
N GLY B 35 -0.86 -25.39 14.10
CA GLY B 35 -2.04 -26.00 13.49
C GLY B 35 -2.26 -25.62 12.04
N ASN B 36 -1.51 -24.64 11.57
CA ASN B 36 -1.55 -24.32 10.15
C ASN B 36 -0.65 -25.27 9.37
N SER B 37 -0.53 -25.04 8.08
CA SER B 37 0.34 -25.86 7.24
C SER B 37 1.01 -25.00 6.17
N ILE B 38 2.12 -25.49 5.64
CA ILE B 38 2.86 -24.72 4.64
C ILE B 38 3.21 -25.62 3.46
N PRO B 39 2.93 -25.16 2.23
CA PRO B 39 3.35 -25.91 1.04
C PRO B 39 4.87 -26.03 1.02
N ILE B 40 5.35 -27.26 0.87
CA ILE B 40 6.78 -27.56 1.02
C ILE B 40 7.67 -26.95 -0.07
N ILE B 41 7.07 -26.51 -1.18
CA ILE B 41 7.81 -25.70 -2.14
C ILE B 41 7.07 -24.38 -2.34
N GLY B 42 7.82 -23.28 -2.45
CA GLY B 42 7.24 -22.00 -2.79
C GLY B 42 8.10 -21.30 -3.81
N LEU B 43 7.58 -20.23 -4.42
CA LEU B 43 8.36 -19.43 -5.34
C LEU B 43 9.02 -18.27 -4.59
N GLY B 44 10.35 -18.20 -4.66
CA GLY B 44 11.09 -17.07 -4.14
C GLY B 44 10.95 -15.88 -5.09
N THR B 45 10.96 -14.67 -4.56
CA THR B 45 10.70 -13.50 -5.41
C THR B 45 11.73 -12.38 -5.33
N TYR B 46 12.84 -12.58 -4.63
CA TYR B 46 13.86 -11.55 -4.69
C TYR B 46 14.50 -11.48 -6.07
N SER B 47 14.63 -10.28 -6.61
CA SER B 47 15.33 -10.06 -7.87
C SER B 47 15.96 -8.68 -7.80
N GLU B 48 17.19 -8.56 -8.29
CA GLU B 48 17.91 -7.29 -8.20
C GLU B 48 17.07 -6.14 -8.75
N PRO B 49 16.65 -5.20 -7.89
CA PRO B 49 15.71 -4.17 -8.34
C PRO B 49 16.20 -3.33 -9.53
N LYS B 50 17.44 -2.86 -9.48
CA LYS B 50 17.96 -1.98 -10.52
C LYS B 50 17.95 -2.61 -11.90
N SER B 51 18.10 -3.93 -11.97
CA SER B 51 18.30 -4.61 -13.24
C SER B 51 17.13 -5.48 -13.69
N THR B 52 16.09 -5.60 -12.86
CA THR B 52 14.95 -6.46 -13.19
C THR B 52 13.81 -5.69 -13.83
N PRO B 53 13.32 -6.16 -14.98
CA PRO B 53 12.21 -5.50 -15.65
C PRO B 53 10.97 -5.47 -14.79
N LYS B 54 10.26 -4.35 -14.78
CA LYS B 54 8.97 -4.27 -14.09
C LYS B 54 8.02 -5.31 -14.69
N GLY B 55 7.18 -5.90 -13.85
CA GLY B 55 6.25 -6.91 -14.30
C GLY B 55 6.76 -8.35 -14.28
N ALA B 56 8.08 -8.51 -14.22
CA ALA B 56 8.69 -9.85 -14.28
C ALA B 56 8.21 -10.71 -13.11
N CYS B 57 8.17 -10.10 -11.93
CA CYS B 57 7.70 -10.80 -10.74
C CYS B 57 6.23 -11.21 -10.84
N ALA B 58 5.36 -10.26 -11.23
CA ALA B 58 3.96 -10.55 -11.42
C ALA B 58 3.75 -11.72 -12.39
N THR B 59 4.43 -11.66 -13.52
CA THR B 59 4.29 -12.71 -14.54
C THR B 59 4.70 -14.06 -13.96
N SER B 60 5.82 -14.05 -13.25
CA SER B 60 6.39 -15.26 -12.68
C SER B 60 5.48 -15.88 -11.62
N VAL B 61 4.89 -15.05 -10.76
CA VAL B 61 3.98 -15.57 -9.74
C VAL B 61 2.76 -16.20 -10.40
N LYS B 62 2.26 -15.59 -11.47
CA LYS B 62 1.13 -16.15 -12.20
C LYS B 62 1.49 -17.51 -12.81
N VAL B 63 2.64 -17.58 -13.48
CA VAL B 63 3.11 -18.82 -14.06
C VAL B 63 3.26 -19.90 -12.99
N ALA B 64 3.83 -19.52 -11.86
CA ALA B 64 4.02 -20.44 -10.74
C ALA B 64 2.68 -21.02 -10.25
N ILE B 65 1.70 -20.15 -10.02
CA ILE B 65 0.39 -20.60 -9.60
C ILE B 65 -0.25 -21.53 -10.64
N ASP B 66 -0.16 -21.15 -11.93
CA ASP B 66 -0.67 -22.02 -12.99
C ASP B 66 0.02 -23.37 -12.96
N THR B 67 1.29 -23.38 -12.56
CA THR B 67 2.11 -24.60 -12.57
C THR B 67 1.75 -25.54 -11.43
N GLY B 68 1.23 -24.98 -10.35
CA GLY B 68 0.85 -25.75 -9.19
C GLY B 68 1.42 -25.23 -7.88
N TYR B 69 2.28 -24.22 -7.94
CA TYR B 69 2.79 -23.63 -6.71
C TYR B 69 1.64 -23.01 -5.91
N ARG B 70 1.68 -23.18 -4.59
CA ARG B 70 0.67 -22.57 -3.72
C ARG B 70 1.29 -21.74 -2.61
N HIS B 71 2.59 -21.49 -2.72
CA HIS B 71 3.35 -20.78 -1.70
C HIS B 71 4.23 -19.77 -2.44
N ILE B 72 4.16 -18.50 -2.02
CA ILE B 72 5.03 -17.46 -2.56
C ILE B 72 5.77 -16.82 -1.39
N ASP B 73 7.09 -16.64 -1.52
CA ASP B 73 7.87 -15.98 -0.47
C ASP B 73 8.30 -14.63 -0.99
N GLY B 74 8.01 -13.58 -0.22
CA GLY B 74 8.35 -12.23 -0.65
C GLY B 74 8.69 -11.33 0.52
N ALA B 75 8.83 -10.04 0.23
CA ALA B 75 9.17 -9.08 1.28
C ALA B 75 9.02 -7.68 0.74
N TYR B 76 8.56 -6.77 1.58
CA TYR B 76 8.42 -5.38 1.18
C TYR B 76 9.74 -4.85 0.64
N ILE B 77 10.85 -5.20 1.28
CA ILE B 77 12.14 -4.65 0.86
C ILE B 77 12.64 -5.18 -0.48
N TYR B 78 11.97 -6.19 -1.03
CA TYR B 78 12.32 -6.70 -2.36
C TYR B 78 11.86 -5.75 -3.46
N GLN B 79 11.04 -4.77 -3.07
CA GLN B 79 10.59 -3.69 -3.95
C GLN B 79 9.52 -4.13 -4.96
N ASN B 80 9.11 -5.40 -4.89
CA ASN B 80 8.15 -5.93 -5.85
C ASN B 80 6.98 -6.61 -5.15
N GLU B 81 6.77 -6.30 -3.88
CA GLU B 81 5.71 -6.97 -3.15
C GLU B 81 4.35 -6.69 -3.79
N HIS B 82 4.20 -5.51 -4.38
CA HIS B 82 2.95 -5.15 -5.03
C HIS B 82 2.68 -6.07 -6.22
N GLU B 83 3.74 -6.48 -6.93
CA GLU B 83 3.59 -7.41 -8.06
C GLU B 83 3.13 -8.79 -7.60
N VAL B 84 3.60 -9.23 -6.43
CA VAL B 84 3.14 -10.49 -5.88
C VAL B 84 1.63 -10.43 -5.62
N GLY B 85 1.18 -9.36 -4.98
CA GLY B 85 -0.24 -9.17 -4.71
C GLY B 85 -1.06 -9.12 -5.99
N GLU B 86 -0.54 -8.42 -7.00
CA GLU B 86 -1.24 -8.30 -8.29
C GLU B 86 -1.53 -9.67 -8.87
N ALA B 87 -0.51 -10.54 -8.86
CA ALA B 87 -0.63 -11.88 -9.41
C ALA B 87 -1.55 -12.79 -8.60
N ILE B 88 -1.43 -12.72 -7.28
CA ILE B 88 -2.26 -13.54 -6.40
C ILE B 88 -3.73 -13.15 -6.60
N ARG B 89 -4.00 -11.86 -6.58
CA ARG B 89 -5.38 -11.37 -6.72
C ARG B 89 -5.95 -11.70 -8.10
N GLU B 90 -5.12 -11.65 -9.12
CA GLU B 90 -5.60 -11.96 -10.47
C GLU B 90 -5.99 -13.43 -10.56
N LYS B 91 -5.16 -14.30 -10.00
CA LYS B 91 -5.43 -15.73 -10.05
C LYS B 91 -6.65 -16.10 -9.22
N ILE B 92 -6.88 -15.36 -8.14
CA ILE B 92 -8.08 -15.55 -7.34
C ILE B 92 -9.30 -15.10 -8.14
N ALA B 93 -9.15 -13.98 -8.83
CA ALA B 93 -10.25 -13.41 -9.61
C ALA B 93 -10.65 -14.33 -10.75
N GLU B 94 -9.67 -14.99 -11.36
CA GLU B 94 -9.96 -15.84 -12.51
C GLU B 94 -10.45 -17.22 -12.05
N GLY B 95 -10.55 -17.40 -10.75
CA GLY B 95 -11.08 -18.62 -10.18
C GLY B 95 -10.09 -19.77 -10.09
N LYS B 96 -8.83 -19.51 -10.46
CA LYS B 96 -7.81 -20.55 -10.44
C LYS B 96 -7.57 -21.10 -9.03
N VAL B 97 -7.54 -20.20 -8.06
CA VAL B 97 -7.35 -20.56 -6.65
C VAL B 97 -8.23 -19.68 -5.76
N ARG B 98 -8.44 -20.10 -4.51
CA ARG B 98 -9.07 -19.24 -3.51
C ARG B 98 -7.97 -18.67 -2.61
N ARG B 99 -8.27 -17.59 -1.90
CA ARG B 99 -7.29 -17.01 -0.97
C ARG B 99 -6.73 -18.05 0.00
N GLU B 100 -7.57 -18.96 0.48
CA GLU B 100 -7.13 -19.93 1.49
C GLU B 100 -6.21 -21.00 0.89
N ASP B 101 -6.14 -21.07 -0.42
CA ASP B 101 -5.30 -22.03 -1.11
C ASP B 101 -3.87 -21.51 -1.31
N ILE B 102 -3.68 -20.21 -1.09
CA ILE B 102 -2.41 -19.55 -1.36
C ILE B 102 -1.75 -19.19 -0.04
N PHE B 103 -0.46 -19.46 0.05
CA PHE B 103 0.32 -19.21 1.26
C PHE B 103 1.37 -18.14 0.94
N TYR B 104 1.20 -16.93 1.47
CA TYR B 104 2.16 -15.87 1.27
C TYR B 104 2.97 -15.59 2.54
N CYS B 105 4.30 -15.59 2.40
CA CYS B 105 5.17 -15.19 3.50
C CYS B 105 5.74 -13.82 3.22
N GLY B 106 5.59 -12.91 4.18
CA GLY B 106 6.24 -11.60 4.13
C GLY B 106 7.20 -11.44 5.31
N LYS B 107 7.95 -10.33 5.35
CA LYS B 107 9.05 -10.22 6.32
C LYS B 107 9.17 -8.83 6.90
N LEU B 108 9.45 -8.76 8.19
CA LEU B 108 9.69 -7.52 8.91
C LEU B 108 11.18 -7.20 8.90
N TRP B 109 11.56 -6.15 8.18
CA TRP B 109 12.96 -5.81 8.02
C TRP B 109 13.58 -5.15 9.28
N ALA B 110 14.90 -5.19 9.35
CA ALA B 110 15.69 -4.70 10.48
C ALA B 110 15.34 -3.29 10.93
N THR B 111 14.93 -2.44 10.00
CA THR B 111 14.65 -1.06 10.33
C THR B 111 13.29 -0.88 11.00
N ASN B 112 12.57 -1.98 11.15
CA ASN B 112 11.20 -1.94 11.64
C ASN B 112 11.01 -2.83 12.88
N HIS B 113 12.07 -2.99 13.66
CA HIS B 113 12.05 -3.84 14.85
C HIS B 113 11.49 -3.20 16.11
N VAL B 114 11.43 -1.86 16.12
CA VAL B 114 10.85 -1.16 17.26
C VAL B 114 9.42 -1.62 17.42
N PRO B 115 9.05 -2.10 18.61
CA PRO B 115 7.74 -2.76 18.75
C PRO B 115 6.58 -1.96 18.17
N GLU B 116 6.57 -0.65 18.43
CA GLU B 116 5.46 0.21 17.98
C GLU B 116 5.37 0.30 16.46
N MET B 117 6.44 -0.08 15.77
CA MET B 117 6.47 -0.02 14.31
C MET B 117 6.01 -1.32 13.63
N VAL B 118 5.95 -2.41 14.39
CA VAL B 118 5.67 -3.72 13.80
C VAL B 118 4.30 -3.78 13.11
N ARG B 119 3.24 -3.45 13.82
CA ARG B 119 1.91 -3.52 13.23
C ARG B 119 1.77 -2.58 12.03
N PRO B 120 2.21 -1.32 12.17
CA PRO B 120 2.14 -0.43 11.02
C PRO B 120 2.91 -0.96 9.82
N THR B 121 4.04 -1.63 10.06
CA THR B 121 4.83 -2.17 8.97
C THR B 121 4.09 -3.31 8.26
N LEU B 122 3.46 -4.18 9.04
CA LEU B 122 2.65 -5.26 8.45
C LEU B 122 1.47 -4.67 7.69
N GLU B 123 0.82 -3.67 8.27
CA GLU B 123 -0.32 -3.03 7.61
C GLU B 123 0.08 -2.43 6.28
N ARG B 124 1.29 -1.90 6.19
CA ARG B 124 1.78 -1.35 4.92
C ARG B 124 1.88 -2.45 3.88
N THR B 125 2.43 -3.59 4.27
CA THR B 125 2.49 -4.74 3.38
C THR B 125 1.09 -5.21 2.93
N LEU B 126 0.11 -5.15 3.83
CA LEU B 126 -1.26 -5.52 3.48
C LEU B 126 -1.88 -4.54 2.47
N ARG B 127 -1.58 -3.25 2.60
CA ARG B 127 -1.98 -2.26 1.58
C ARG B 127 -1.34 -2.56 0.23
N VAL B 128 -0.04 -2.83 0.27
CA VAL B 128 0.74 -3.11 -0.93
C VAL B 128 0.14 -4.32 -1.65
N LEU B 129 -0.14 -5.37 -0.90
CA LEU B 129 -0.71 -6.61 -1.45
C LEU B 129 -2.19 -6.50 -1.82
N GLN B 130 -2.88 -5.53 -1.21
CA GLN B 130 -4.34 -5.46 -1.23
C GLN B 130 -4.97 -6.76 -0.75
N LEU B 131 -4.43 -7.29 0.34
CA LEU B 131 -4.95 -8.49 0.99
C LEU B 131 -5.20 -8.20 2.46
N ASP B 132 -6.07 -8.99 3.08
CA ASP B 132 -6.47 -8.76 4.48
C ASP B 132 -5.51 -9.34 5.50
N TYR B 133 -4.73 -10.34 5.10
CA TYR B 133 -3.78 -10.99 6.01
C TYR B 133 -2.65 -11.62 5.22
N VAL B 134 -1.53 -11.91 5.89
CA VAL B 134 -0.50 -12.75 5.30
C VAL B 134 -0.49 -14.09 6.03
N ASP B 135 -0.03 -15.12 5.33
CA ASP B 135 -0.04 -16.44 5.93
C ASP B 135 1.07 -16.61 6.94
N LEU B 136 2.24 -16.04 6.63
CA LEU B 136 3.38 -16.13 7.54
C LEU B 136 4.11 -14.81 7.52
N TYR B 137 4.40 -14.28 8.71
CA TYR B 137 5.16 -13.06 8.83
C TYR B 137 6.36 -13.32 9.73
N ILE B 138 7.54 -12.99 9.24
CA ILE B 138 8.76 -13.37 9.95
C ILE B 138 9.69 -12.20 10.17
N ILE B 139 10.39 -12.23 11.31
CA ILE B 139 11.44 -11.25 11.56
C ILE B 139 12.60 -11.60 10.63
N GLU B 140 12.91 -10.65 9.75
CA GLU B 140 13.75 -10.93 8.58
C GLU B 140 15.21 -11.21 8.96
N VAL B 141 15.73 -10.46 9.93
CA VAL B 141 17.03 -10.73 10.55
C VAL B 141 16.92 -10.44 12.05
N PRO B 142 17.81 -11.02 12.85
CA PRO B 142 17.76 -10.74 14.30
C PRO B 142 18.39 -9.38 14.64
N MET B 143 18.99 -8.74 13.64
CA MET B 143 19.68 -7.48 13.86
C MET B 143 18.76 -6.28 13.66
N ALA B 144 18.66 -5.42 14.67
CA ALA B 144 17.86 -4.20 14.55
C ALA B 144 18.70 -3.07 13.95
N PHE B 145 18.15 -2.37 12.97
CA PHE B 145 18.81 -1.21 12.37
C PHE B 145 18.05 0.06 12.78
N LYS B 146 18.68 1.22 12.62
CA LYS B 146 17.98 2.48 12.88
C LYS B 146 16.67 2.61 12.09
N PRO B 147 15.57 2.94 12.78
CA PRO B 147 14.31 3.22 12.08
C PRO B 147 14.47 4.29 11.00
N GLY B 148 13.75 4.12 9.89
CA GLY B 148 13.75 5.07 8.78
C GLY B 148 13.50 4.43 7.43
N ASP B 149 13.30 5.25 6.40
CA ASP B 149 12.97 4.77 5.06
C ASP B 149 14.09 3.99 4.39
N GLU B 150 15.32 4.43 4.58
CA GLU B 150 16.47 3.73 4.00
C GLU B 150 16.55 2.35 4.63
N ILE B 151 16.46 1.32 3.80
CA ILE B 151 16.53 -0.04 4.31
C ILE B 151 17.94 -0.41 4.75
N TYR B 152 18.95 0.27 4.20
CA TYR B 152 20.34 0.02 4.56
C TYR B 152 20.99 1.32 5.04
N PRO B 153 20.57 1.80 6.22
CA PRO B 153 20.96 3.13 6.68
C PRO B 153 22.44 3.21 7.06
N ARG B 154 23.14 4.14 6.44
CA ARG B 154 24.54 4.41 6.77
C ARG B 154 24.71 5.91 6.93
N ASP B 155 25.60 6.32 7.83
CA ASP B 155 25.83 7.75 8.03
C ASP B 155 26.73 8.34 6.95
N GLU B 156 27.12 9.60 7.13
CA GLU B 156 27.92 10.30 6.13
C GLU B 156 29.25 9.59 5.87
N ASN B 157 29.74 8.85 6.87
CA ASN B 157 31.00 8.12 6.75
C ASN B 157 30.82 6.64 6.36
N GLY B 158 29.61 6.28 5.95
CA GLY B 158 29.32 4.92 5.55
C GLY B 158 29.22 3.93 6.70
N LYS B 159 29.17 4.46 7.94
CA LYS B 159 29.05 3.61 9.11
C LYS B 159 27.61 3.15 9.25
N TRP B 160 27.41 1.86 9.44
CA TRP B 160 26.04 1.33 9.54
C TRP B 160 25.34 1.86 10.77
N LEU B 161 24.10 2.28 10.59
CA LEU B 161 23.31 2.82 11.68
C LEU B 161 22.40 1.74 12.29
N TYR B 162 22.79 1.28 13.47
CA TYR B 162 22.09 0.19 14.12
C TYR B 162 21.13 0.70 15.18
N HIS B 163 20.39 -0.22 15.77
CA HIS B 163 19.54 0.07 16.90
C HIS B 163 19.75 -1.08 17.88
N LYS B 164 19.45 -0.86 19.15
CA LYS B 164 19.53 -1.93 20.13
C LYS B 164 18.47 -3.00 19.83
N SER B 165 18.91 -4.22 19.56
CA SER B 165 17.99 -5.33 19.37
C SER B 165 17.27 -5.64 20.68
N ASN B 166 15.96 -5.85 20.60
CA ASN B 166 15.21 -6.40 21.71
C ASN B 166 14.26 -7.43 21.14
N LEU B 167 14.77 -8.62 20.88
CA LEU B 167 14.02 -9.64 20.15
C LEU B 167 12.73 -10.04 20.86
N CYS B 168 12.75 -10.08 22.18
CA CYS B 168 11.54 -10.45 22.91
C CYS B 168 10.44 -9.39 22.75
N ALA B 169 10.82 -8.12 22.83
CA ALA B 169 9.84 -7.04 22.64
C ALA B 169 9.29 -7.03 21.21
N THR B 170 10.16 -7.20 20.23
CA THR B 170 9.72 -7.27 18.84
C THR B 170 8.76 -8.47 18.67
N TRP B 171 9.09 -9.58 19.29
CA TRP B 171 8.26 -10.77 19.18
C TRP B 171 6.86 -10.53 19.74
N GLU B 172 6.78 -9.85 20.89
CA GLU B 172 5.49 -9.56 21.47
C GLU B 172 4.65 -8.74 20.51
N ALA B 173 5.30 -7.80 19.82
CA ALA B 173 4.60 -7.00 18.84
C ALA B 173 4.13 -7.88 17.67
N MET B 174 4.92 -8.87 17.29
CA MET B 174 4.49 -9.79 16.24
C MET B 174 3.28 -10.60 16.72
N GLU B 175 3.34 -11.06 17.96
CA GLU B 175 2.22 -11.82 18.54
C GLU B 175 0.93 -11.02 18.50
N ALA B 176 1.01 -9.73 18.78
CA ALA B 176 -0.17 -8.87 18.73
C ALA B 176 -0.76 -8.81 17.32
N CYS B 177 0.11 -8.88 16.31
CA CYS B 177 -0.37 -8.88 14.94
C CYS B 177 -1.17 -10.13 14.62
N LYS B 178 -0.74 -11.26 15.12
CA LYS B 178 -1.49 -12.50 14.91
C LYS B 178 -2.83 -12.43 15.63
N ASP B 179 -2.83 -11.90 16.86
CA ASP B 179 -4.06 -11.74 17.63
C ASP B 179 -5.07 -10.83 16.94
N ALA B 180 -4.56 -9.87 16.18
CA ALA B 180 -5.42 -8.93 15.47
C ALA B 180 -5.93 -9.49 14.14
N GLY B 181 -5.52 -10.72 13.84
CA GLY B 181 -5.95 -11.40 12.62
C GLY B 181 -5.25 -10.96 11.34
N LEU B 182 -4.12 -10.26 11.49
CA LEU B 182 -3.39 -9.72 10.34
C LEU B 182 -2.41 -10.74 9.74
N VAL B 183 -2.15 -11.81 10.47
CA VAL B 183 -1.22 -12.83 10.02
C VAL B 183 -1.59 -14.17 10.66
N LYS B 184 -1.52 -15.26 9.88
CA LYS B 184 -1.90 -16.57 10.42
C LYS B 184 -0.80 -17.23 11.27
N SER B 185 0.43 -17.15 10.81
CA SER B 185 1.55 -17.83 11.48
C SER B 185 2.75 -16.90 11.60
N LEU B 186 3.52 -17.05 12.67
CA LEU B 186 4.67 -16.18 12.94
C LEU B 186 5.96 -16.98 12.91
N GLY B 187 7.00 -16.41 12.32
CA GLY B 187 8.29 -17.09 12.31
C GLY B 187 9.45 -16.12 12.30
N VAL B 188 10.65 -16.63 12.04
CA VAL B 188 11.85 -15.80 12.04
C VAL B 188 12.72 -16.20 10.86
N SER B 189 13.81 -15.47 10.67
CA SER B 189 14.72 -15.74 9.56
C SER B 189 16.14 -15.33 9.94
N ASN B 190 17.14 -16.12 9.55
CA ASN B 190 18.52 -15.81 9.92
C ASN B 190 18.77 -15.80 11.43
N PHE B 191 17.97 -16.56 12.17
CA PHE B 191 18.17 -16.69 13.60
C PHE B 191 19.06 -17.88 13.92
N ASN B 192 19.98 -17.70 14.86
CA ASN B 192 20.80 -18.82 15.32
C ASN B 192 20.16 -19.45 16.55
N ARG B 193 20.80 -20.47 17.10
CA ARG B 193 20.22 -21.21 18.24
C ARG B 193 19.97 -20.31 19.44
N ARG B 194 20.96 -19.49 19.80
CA ARG B 194 20.82 -18.58 20.92
C ARG B 194 19.60 -17.70 20.76
N GLN B 195 19.45 -17.14 19.55
CA GLN B 195 18.38 -16.19 19.27
C GLN B 195 17.00 -16.85 19.29
N LEU B 196 16.92 -18.06 18.75
CA LEU B 196 15.69 -18.84 18.87
C LEU B 196 15.34 -19.07 20.34
N GLU B 197 16.33 -19.45 21.13
CA GLU B 197 16.09 -19.76 22.54
C GLU B 197 15.65 -18.54 23.36
N LEU B 198 16.15 -17.36 22.99
CA LEU B 198 15.70 -16.13 23.64
C LEU B 198 14.18 -16.01 23.53
N ILE B 199 13.63 -16.37 22.38
CA ILE B 199 12.18 -16.29 22.20
C ILE B 199 11.46 -17.49 22.82
N LEU B 200 12.01 -18.68 22.60
CA LEU B 200 11.39 -19.89 23.12
C LEU B 200 11.28 -19.88 24.65
N ASN B 201 12.25 -19.23 25.31
CA ASN B 201 12.28 -19.22 26.78
C ASN B 201 11.67 -17.99 27.41
N LYS B 202 11.05 -17.16 26.59
CA LYS B 202 10.55 -15.86 27.04
C LYS B 202 9.32 -16.01 27.95
N PRO B 203 9.30 -15.31 29.08
CA PRO B 203 8.12 -15.37 29.94
C PRO B 203 6.88 -14.89 29.21
N GLY B 204 5.78 -15.61 29.39
CA GLY B 204 4.52 -15.22 28.80
C GLY B 204 4.48 -15.38 27.28
N LEU B 205 5.37 -16.22 26.75
CA LEU B 205 5.34 -16.54 25.33
C LEU B 205 3.94 -17.00 24.94
N LYS B 206 3.40 -16.42 23.87
CA LYS B 206 2.06 -16.77 23.43
C LYS B 206 2.02 -17.55 22.13
N HIS B 207 2.83 -17.12 21.17
CA HIS B 207 2.95 -17.83 19.91
C HIS B 207 4.41 -18.19 19.63
N LYS B 208 4.70 -19.47 19.70
CA LYS B 208 6.00 -20.03 19.37
C LYS B 208 6.30 -19.71 17.91
N PRO B 209 7.57 -19.42 17.59
CA PRO B 209 7.91 -19.30 16.17
C PRO B 209 7.70 -20.65 15.49
N VAL B 210 7.07 -20.67 14.32
CA VAL B 210 6.78 -21.94 13.64
C VAL B 210 7.80 -22.29 12.57
N SER B 211 8.61 -21.31 12.20
CA SER B 211 9.49 -21.44 11.05
C SER B 211 10.74 -20.59 11.23
N ASN B 212 11.87 -21.10 10.77
CA ASN B 212 13.11 -20.31 10.69
C ASN B 212 13.63 -20.42 9.26
N GLN B 213 13.63 -19.29 8.55
CA GLN B 213 14.07 -19.28 7.17
C GLN B 213 15.56 -18.94 7.10
N VAL B 214 16.37 -19.88 6.62
CA VAL B 214 17.82 -19.72 6.61
C VAL B 214 18.38 -20.29 5.33
N GLU B 215 19.60 -19.89 4.98
CA GLU B 215 20.26 -20.48 3.82
C GLU B 215 20.43 -22.00 4.00
N CYS B 216 20.02 -22.78 3.01
CA CYS B 216 20.14 -24.23 3.13
C CYS B 216 20.13 -24.89 1.76
N HIS B 217 21.12 -25.73 1.52
CA HIS B 217 21.31 -26.42 0.25
C HIS B 217 22.48 -27.37 0.47
N PRO B 218 22.82 -28.20 -0.53
CA PRO B 218 23.86 -29.19 -0.25
C PRO B 218 25.27 -28.69 0.09
N TYR B 219 25.62 -27.44 -0.17
CA TYR B 219 26.92 -26.94 0.28
C TYR B 219 26.85 -26.33 1.69
N PHE B 220 25.64 -26.10 2.18
CA PHE B 220 25.43 -25.63 3.54
C PHE B 220 24.16 -26.26 4.11
N THR B 221 24.28 -27.47 4.62
CA THR B 221 23.12 -28.31 4.88
C THR B 221 22.46 -28.07 6.24
N GLN B 222 23.09 -27.25 7.07
CA GLN B 222 22.56 -26.86 8.38
C GLN B 222 22.28 -28.03 9.30
N PRO B 223 23.26 -28.93 9.49
CA PRO B 223 22.96 -30.13 10.29
C PRO B 223 22.50 -29.81 11.72
N LYS B 224 23.25 -28.97 12.42
CA LYS B 224 22.96 -28.74 13.83
C LYS B 224 21.73 -27.84 14.04
N LEU B 225 21.59 -26.81 13.22
CA LEU B 225 20.42 -25.94 13.34
C LEU B 225 19.15 -26.69 12.94
N LEU B 226 19.22 -27.51 11.90
CA LEU B 226 18.06 -28.31 11.51
C LEU B 226 17.64 -29.23 12.65
N LYS B 227 18.60 -29.94 13.22
CA LYS B 227 18.30 -30.83 14.33
C LYS B 227 17.67 -30.07 15.49
N PHE B 228 18.27 -28.93 15.87
CA PHE B 228 17.69 -28.11 16.92
C PHE B 228 16.25 -27.72 16.59
N CYS B 229 16.03 -27.25 15.38
CA CYS B 229 14.69 -26.83 15.00
C CYS B 229 13.70 -27.99 15.04
N GLN B 230 14.11 -29.15 14.53
CA GLN B 230 13.27 -30.34 14.61
C GLN B 230 12.84 -30.66 16.05
N GLN B 231 13.78 -30.56 16.98
CA GLN B 231 13.49 -30.87 18.38
C GLN B 231 12.52 -29.89 19.00
N HIS B 232 12.36 -28.73 18.37
CA HIS B 232 11.46 -27.70 18.89
C HIS B 232 10.27 -27.46 17.98
N ASP B 233 10.03 -28.39 17.07
CA ASP B 233 8.91 -28.33 16.13
C ASP B 233 8.93 -27.02 15.35
N ILE B 234 10.12 -26.61 14.92
CA ILE B 234 10.28 -25.44 14.07
C ILE B 234 10.70 -25.96 12.72
N VAL B 235 9.96 -25.58 11.68
CA VAL B 235 10.25 -26.03 10.33
C VAL B 235 11.25 -25.09 9.71
N ILE B 236 12.28 -25.63 9.08
CA ILE B 236 13.22 -24.79 8.37
C ILE B 236 12.72 -24.53 6.97
N THR B 237 12.74 -23.27 6.56
CA THR B 237 12.58 -22.92 5.16
C THR B 237 13.97 -22.59 4.60
N ALA B 238 14.35 -23.32 3.57
CA ALA B 238 15.64 -23.13 2.90
C ALA B 238 15.56 -21.98 1.92
N TYR B 239 16.13 -20.85 2.29
CA TYR B 239 16.34 -19.81 1.29
C TYR B 239 17.59 -20.07 0.48
N SER B 240 17.68 -19.44 -0.70
CA SER B 240 18.74 -19.75 -1.67
C SER B 240 18.96 -21.26 -1.84
N PRO B 241 17.88 -22.03 -2.05
CA PRO B 241 17.99 -23.49 -2.06
C PRO B 241 18.70 -24.02 -3.31
N LEU B 242 18.88 -23.15 -4.30
CA LEU B 242 19.63 -23.48 -5.50
C LEU B 242 21.02 -22.86 -5.49
N GLY B 243 21.43 -22.32 -4.34
CA GLY B 243 22.77 -21.76 -4.17
C GLY B 243 22.97 -20.31 -4.60
N THR B 244 21.88 -19.56 -4.74
CA THR B 244 21.86 -18.13 -5.11
C THR B 244 22.06 -17.84 -6.61
N SER B 245 21.82 -16.58 -6.98
CA SER B 245 22.06 -16.11 -8.34
C SER B 245 23.56 -15.89 -8.57
N ARG B 246 24.33 -15.96 -7.49
CA ARG B 246 25.79 -15.80 -7.57
C ARG B 246 26.16 -14.42 -8.09
N ASN B 247 25.30 -13.45 -7.83
CA ASN B 247 25.60 -12.08 -8.23
C ASN B 247 26.91 -11.67 -7.59
N PRO B 248 27.94 -11.44 -8.42
CA PRO B 248 29.29 -11.14 -7.90
C PRO B 248 29.30 -9.86 -7.10
N ILE B 249 28.26 -9.04 -7.27
CA ILE B 249 28.11 -7.81 -6.48
C ILE B 249 28.07 -8.07 -4.97
N TRP B 250 27.50 -9.21 -4.56
CA TRP B 250 27.28 -9.43 -3.13
C TRP B 250 27.32 -10.88 -2.62
N VAL B 251 27.23 -11.86 -3.51
CA VAL B 251 27.27 -13.26 -3.05
C VAL B 251 28.70 -13.69 -2.77
N ASN B 252 28.89 -14.53 -1.76
CA ASN B 252 30.18 -15.19 -1.58
C ASN B 252 30.36 -16.24 -2.67
N VAL B 253 31.08 -15.87 -3.73
CA VAL B 253 31.23 -16.74 -4.89
C VAL B 253 32.49 -17.61 -4.80
N SER B 254 32.99 -17.79 -3.57
CA SER B 254 34.17 -18.62 -3.34
C SER B 254 33.89 -20.10 -3.59
N SER B 255 32.70 -20.57 -3.20
CA SER B 255 32.25 -21.91 -3.60
C SER B 255 31.88 -21.90 -5.06
N PRO B 256 32.19 -22.99 -5.76
CA PRO B 256 31.81 -23.14 -7.17
C PRO B 256 30.29 -23.14 -7.30
N PRO B 257 29.78 -22.95 -8.53
CA PRO B 257 28.34 -22.95 -8.72
C PRO B 257 27.74 -24.29 -8.25
N LEU B 258 26.77 -24.22 -7.36
CA LEU B 258 26.13 -25.42 -6.83
C LEU B 258 25.55 -26.30 -7.92
N LEU B 259 24.90 -25.69 -8.92
CA LEU B 259 24.19 -26.48 -9.91
C LEU B 259 25.15 -27.12 -10.93
N LYS B 260 26.43 -26.82 -10.80
CA LYS B 260 27.44 -27.44 -11.67
C LYS B 260 28.14 -28.61 -10.97
N ASP B 261 27.76 -28.87 -9.72
CA ASP B 261 28.41 -29.91 -8.93
C ASP B 261 28.38 -31.25 -9.68
N ALA B 262 29.54 -31.89 -9.77
CA ALA B 262 29.64 -33.15 -10.49
C ALA B 262 28.65 -34.20 -9.96
N LEU B 263 28.65 -34.41 -8.65
CA LEU B 263 27.79 -35.42 -8.05
C LEU B 263 26.32 -35.12 -8.28
N LEU B 264 25.91 -33.87 -8.01
CA LEU B 264 24.51 -33.50 -8.18
C LEU B 264 24.07 -33.76 -9.63
N ASN B 265 24.95 -33.46 -10.57
CA ASN B 265 24.64 -33.71 -11.96
C ASN B 265 24.57 -35.21 -12.31
N SER B 266 25.47 -36.01 -11.76
CA SER B 266 25.40 -37.45 -12.02
C SER B 266 24.16 -38.10 -11.40
N LEU B 267 23.78 -37.65 -10.20
CA LEU B 267 22.54 -38.14 -9.58
C LEU B 267 21.35 -37.77 -10.43
N GLY B 268 21.38 -36.56 -11.00
CA GLY B 268 20.34 -36.10 -11.90
C GLY B 268 20.11 -37.08 -13.04
N LYS B 269 21.21 -37.56 -13.64
CA LYS B 269 21.13 -38.49 -14.77
C LYS B 269 20.50 -39.83 -14.40
N ARG B 270 20.54 -40.18 -13.13
CA ARG B 270 19.89 -41.40 -12.66
C ARG B 270 18.36 -41.36 -12.81
N TYR B 271 17.81 -40.15 -12.83
CA TYR B 271 16.36 -39.97 -12.82
C TYR B 271 15.88 -39.05 -13.94
N ASN B 272 16.77 -38.72 -14.88
CA ASN B 272 16.44 -37.76 -15.92
C ASN B 272 15.97 -36.44 -15.31
N LYS B 273 16.69 -36.00 -14.29
CA LYS B 273 16.38 -34.76 -13.59
C LYS B 273 17.62 -33.86 -13.64
N THR B 274 17.41 -32.56 -13.45
CA THR B 274 18.53 -31.64 -13.42
C THR B 274 19.11 -31.55 -12.00
N ALA B 275 20.30 -30.98 -11.89
CA ALA B 275 20.90 -30.76 -10.59
C ALA B 275 19.93 -29.96 -9.70
N ALA B 276 19.31 -28.94 -10.27
CA ALA B 276 18.36 -28.11 -9.53
C ALA B 276 17.26 -28.98 -8.92
N GLN B 277 16.74 -29.89 -9.72
CA GLN B 277 15.67 -30.76 -9.26
C GLN B 277 16.14 -31.72 -8.16
N ILE B 278 17.38 -32.19 -8.28
CA ILE B 278 17.97 -33.02 -7.24
C ILE B 278 18.11 -32.25 -5.92
N VAL B 279 18.64 -31.03 -5.97
CA VAL B 279 18.86 -30.28 -4.72
C VAL B 279 17.54 -29.88 -4.04
N LEU B 280 16.52 -29.60 -4.84
CA LEU B 280 15.22 -29.28 -4.28
C LEU B 280 14.57 -30.52 -3.66
N ARG B 281 14.60 -31.64 -4.38
CA ARG B 281 14.08 -32.90 -3.84
C ARG B 281 14.79 -33.25 -2.53
N PHE B 282 16.11 -33.03 -2.49
CA PHE B 282 16.89 -33.32 -1.30
C PHE B 282 16.30 -32.67 -0.06
N ASN B 283 16.07 -31.36 -0.12
CA ASN B 283 15.53 -30.69 1.05
C ASN B 283 14.08 -31.08 1.34
N ILE B 284 13.23 -31.14 0.32
CA ILE B 284 11.82 -31.42 0.63
C ILE B 284 11.67 -32.83 1.21
N GLN B 285 12.53 -33.74 0.76
CA GLN B 285 12.40 -35.11 1.22
C GLN B 285 12.77 -35.26 2.69
N ARG B 286 13.54 -34.30 3.22
CA ARG B 286 13.83 -34.34 4.65
C ARG B 286 13.03 -33.32 5.46
N GLY B 287 11.95 -32.82 4.86
CA GLY B 287 10.98 -31.99 5.56
C GLY B 287 11.36 -30.52 5.64
N VAL B 288 12.31 -30.12 4.79
CA VAL B 288 12.74 -28.73 4.72
C VAL B 288 12.03 -28.03 3.57
N VAL B 289 11.36 -26.92 3.87
CA VAL B 289 10.63 -26.18 2.85
C VAL B 289 11.64 -25.52 1.91
N VAL B 290 11.38 -25.50 0.61
CA VAL B 290 12.30 -24.85 -0.31
C VAL B 290 11.59 -23.71 -1.07
N ILE B 291 12.25 -22.57 -1.20
CA ILE B 291 11.65 -21.45 -1.91
C ILE B 291 12.52 -20.94 -3.06
N PRO B 292 12.76 -21.81 -4.05
CA PRO B 292 13.63 -21.43 -5.18
C PRO B 292 13.04 -20.23 -5.94
N LYS B 293 13.87 -19.29 -6.34
CA LYS B 293 13.40 -18.18 -7.16
C LYS B 293 13.70 -18.44 -8.63
N SER B 294 12.70 -18.28 -9.48
CA SER B 294 12.96 -18.18 -10.91
C SER B 294 11.94 -17.26 -11.56
N PHE B 295 12.42 -16.38 -12.42
CA PHE B 295 11.54 -15.53 -13.22
C PHE B 295 11.56 -16.00 -14.68
N ASN B 296 11.98 -17.25 -14.87
CA ASN B 296 12.02 -17.87 -16.20
C ASN B 296 10.95 -18.93 -16.33
N LEU B 297 10.11 -18.79 -17.36
CA LEU B 297 8.98 -19.70 -17.59
C LEU B 297 9.36 -21.19 -17.47
N GLU B 298 10.42 -21.59 -18.18
CA GLU B 298 10.81 -22.99 -18.20
C GLU B 298 11.38 -23.45 -16.85
N ARG B 299 12.15 -22.59 -16.20
CA ARG B 299 12.76 -23.00 -14.94
C ARG B 299 11.75 -23.02 -13.79
N ILE B 300 10.78 -22.11 -13.80
CA ILE B 300 9.70 -22.17 -12.82
C ILE B 300 9.01 -23.55 -12.86
N LYS B 301 8.71 -24.02 -14.06
CA LYS B 301 8.12 -25.35 -14.21
C LYS B 301 9.06 -26.47 -13.77
N GLU B 302 10.31 -26.41 -14.22
CA GLU B 302 11.33 -27.41 -13.89
C GLU B 302 11.42 -27.61 -12.37
N ASN B 303 11.55 -26.51 -11.65
CA ASN B 303 11.73 -26.55 -10.19
C ASN B 303 10.57 -27.22 -9.45
N PHE B 304 9.40 -27.26 -10.07
CA PHE B 304 8.22 -27.83 -9.44
C PHE B 304 8.10 -29.34 -9.71
N GLN B 305 8.84 -29.84 -10.68
CA GLN B 305 8.75 -31.26 -11.06
C GLN B 305 9.62 -32.14 -10.14
N ILE B 306 9.27 -32.17 -8.85
CA ILE B 306 10.07 -32.88 -7.87
C ILE B 306 9.24 -33.85 -7.04
N PHE B 307 8.07 -34.21 -7.55
CA PHE B 307 7.18 -35.14 -6.82
C PHE B 307 7.01 -36.45 -7.56
N ASP B 308 7.70 -36.61 -8.70
CA ASP B 308 7.57 -37.81 -9.51
C ASP B 308 8.79 -38.72 -9.41
N PHE B 309 9.65 -38.44 -8.44
CA PHE B 309 10.76 -39.32 -8.10
C PHE B 309 11.13 -39.11 -6.65
N SER B 310 12.02 -39.94 -6.13
CA SER B 310 12.55 -39.76 -4.79
C SER B 310 14.01 -40.12 -4.82
N LEU B 311 14.73 -39.70 -3.78
CA LEU B 311 16.13 -40.07 -3.63
C LEU B 311 16.23 -41.28 -2.69
N THR B 312 17.14 -42.20 -3.00
CA THR B 312 17.32 -43.32 -2.10
C THR B 312 17.97 -42.85 -0.80
N GLU B 313 17.92 -43.68 0.22
CA GLU B 313 18.57 -43.35 1.48
C GLU B 313 20.07 -43.10 1.28
N GLU B 314 20.67 -43.90 0.42
CA GLU B 314 22.07 -43.74 0.06
C GLU B 314 22.30 -42.37 -0.59
N GLU B 315 21.42 -42.00 -1.50
CA GLU B 315 21.58 -40.75 -2.25
C GLU B 315 21.41 -39.53 -1.33
N MET B 316 20.49 -39.64 -0.37
CA MET B 316 20.35 -38.59 0.65
C MET B 316 21.68 -38.43 1.39
N LYS B 317 22.31 -39.53 1.75
CA LYS B 317 23.60 -39.45 2.44
C LYS B 317 24.71 -38.92 1.53
N ASP B 318 24.68 -39.31 0.26
CA ASP B 318 25.62 -38.77 -0.72
C ASP B 318 25.57 -37.25 -0.76
N ILE B 319 24.36 -36.72 -0.72
CA ILE B 319 24.13 -35.28 -0.89
C ILE B 319 24.49 -34.51 0.38
N GLU B 320 24.10 -35.07 1.53
CA GLU B 320 24.47 -34.52 2.83
C GLU B 320 25.99 -34.35 2.91
N ALA B 321 26.73 -35.31 2.34
CA ALA B 321 28.19 -35.29 2.43
C ALA B 321 28.82 -34.18 1.58
N LEU B 322 28.02 -33.52 0.74
CA LEU B 322 28.51 -32.36 -0.01
C LEU B 322 28.69 -31.10 0.85
N ASN B 323 28.14 -31.13 2.07
CA ASN B 323 28.21 -29.97 2.98
C ASN B 323 29.63 -29.43 3.11
N LYS B 324 29.80 -28.16 2.78
CA LYS B 324 31.11 -27.50 2.91
C LYS B 324 31.18 -26.61 4.14
N ASN B 325 30.02 -26.39 4.78
CA ASN B 325 29.93 -25.42 5.86
C ASN B 325 30.45 -24.06 5.41
N VAL B 326 30.17 -23.73 4.15
CA VAL B 326 30.47 -22.41 3.61
C VAL B 326 29.20 -21.75 3.11
N ARG B 327 28.89 -20.56 3.63
CA ARG B 327 27.69 -19.83 3.23
C ARG B 327 27.92 -19.04 1.95
N PHE B 328 26.91 -19.04 1.07
CA PHE B 328 26.89 -18.09 -0.03
C PHE B 328 26.43 -16.72 0.48
N VAL B 329 25.65 -16.72 1.56
CA VAL B 329 25.10 -15.48 2.09
C VAL B 329 25.70 -15.17 3.46
N GLU B 330 26.79 -14.40 3.47
CA GLU B 330 27.55 -14.15 4.68
C GLU B 330 27.17 -12.87 5.41
N LEU B 331 26.68 -11.87 4.68
CA LEU B 331 26.32 -10.59 5.28
C LEU B 331 27.49 -10.02 6.08
N LEU B 332 28.67 -10.07 5.50
CA LEU B 332 29.89 -9.69 6.21
C LEU B 332 29.90 -8.24 6.69
N MET B 333 29.19 -7.37 5.98
CA MET B 333 29.18 -5.95 6.33
C MET B 333 28.53 -5.71 7.68
N TRP B 334 27.77 -6.69 8.17
CA TRP B 334 27.08 -6.53 9.44
C TRP B 334 27.68 -7.39 10.56
N ARG B 335 28.90 -7.88 10.36
CA ARG B 335 29.56 -8.71 11.37
C ARG B 335 29.73 -8.00 12.70
N ASP B 336 29.69 -6.67 12.69
CA ASP B 336 29.89 -5.91 13.93
C ASP B 336 28.60 -5.61 14.67
N HIS B 337 27.46 -6.05 14.13
CA HIS B 337 26.21 -5.89 14.87
C HIS B 337 26.21 -6.87 16.03
N PRO B 338 25.79 -6.41 17.23
CA PRO B 338 25.77 -7.31 18.39
C PRO B 338 24.99 -8.60 18.14
N GLU B 339 23.99 -8.54 17.26
CA GLU B 339 23.16 -9.71 17.00
C GLU B 339 23.46 -10.38 15.65
N TYR B 340 24.61 -10.09 15.04
CA TYR B 340 25.02 -10.81 13.83
C TYR B 340 24.93 -12.30 14.11
N PRO B 341 24.20 -13.04 13.25
CA PRO B 341 23.84 -14.41 13.63
C PRO B 341 24.88 -15.49 13.34
N PHE B 342 25.91 -15.20 12.55
CA PHE B 342 26.72 -16.29 12.02
C PHE B 342 28.10 -16.46 12.67
N HIS B 343 28.36 -15.76 13.76
CA HIS B 343 29.57 -16.01 14.53
C HIS B 343 29.48 -17.38 15.21
N ASP B 344 28.31 -17.68 15.76
CA ASP B 344 28.12 -18.93 16.51
C ASP B 344 28.18 -20.13 15.58
N GLU B 345 28.55 -21.28 16.13
CA GLU B 345 28.60 -22.50 15.34
C GLU B 345 27.27 -22.73 14.63
N TYR B 346 26.18 -22.56 15.36
CA TYR B 346 24.83 -22.62 14.80
C TYR B 346 23.87 -21.94 15.76
#